data_3W3Y
#
_entry.id   3W3Y
#
_cell.length_a   78.330
_cell.length_b   131.440
_cell.length_c   131.500
_cell.angle_alpha   90.00
_cell.angle_beta   90.00
_cell.angle_gamma   90.00
#
_symmetry.space_group_name_H-M   'P 21 21 21'
#
loop_
_entity.id
_entity.type
_entity.pdbx_description
1 polymer 'Importin subunit beta-3'
2 polymer 'Nucleoporin NUP53'
#
loop_
_entity_poly.entity_id
_entity_poly.type
_entity_poly.pdbx_seq_one_letter_code
_entity_poly.pdbx_strand_id
1 'polypeptide(L)'
;MSALPEEVNRTLLQIVQAFASPDNQIRSVAEKALSEEWITENNIEYLLTFLAEQAAFSQDTTVAALSAVLFRKLALKAPI
THIRKEVLAQIRSSLLKGFLSERADSIRHKLSDAIAECVQDDLPAWPELLQALIESLKSGNPNFRESSFRILTTVPYLIT
AVDINSILPIFQSGFTDASDNVKIAAVTAFVGYFKQLPKSEWSKLGILLPSLLNSLPRFLDDGKDDALASVFESLIELVE
LAPKLFKDMFDQIIQFTDMVIKNKDLEPPARTTALELLTVFSENAPQMCKSNQNYGQTLVMVTLIMMTEVSIDDDDAAEW
IESDDTDDEEEVTYDHARQALDRVALKLGGEYLAAPLFQYLQQMITSTEWRERFAAMMALSSAAEGCADVLIGEIPKILD
MVIPLINDPHPRVQYGCCNVLGQISTDFSPFIQRTAHDRILPALISKLTSECTSRVQTHAAAALVNFSEFASKDILEPYL
DSLLTNLLVLLQSNKLYVQEQALTTIAFIAEAAKNKFIKYYDTLMPLLLNVLKVNNKDNSVLKGKCMECATLIGFAVGKE
KFHEHSQELISILVALQNSDIDEDDALRSYLEQSWSRICRILGDDFVPLLPIVIPPLLITAKATQDVGLIEEEEAANFQQ
YPDWDVVQVQGKHIAIHTSVLDDKVSAMELLQSYATLLRGQFAVYVKEVMEEIALPSLDFYLHDGVRAAGATLIPILLSC
LLAATGTQNEELVLLWHKASSKLIGGLMSEPMPEITQVYHNSLVNGIKVMGDNCLSEDQLAAFTKGVSANLTDTYERMQD
RHGDGDEYNENIDEEEDFTDEDLLDEINKSIAAVLKTTNGHYLKNLENIWPMINTFLLDNEPILVIFALVVIGDLIQYGG
EQTASMKNAFIPKVTECLISPDARIRQAASYIIGVCAQYAPSTYADVCIPTLDTLVQIVDFPGSKLEENRSSTENASAAI
AKILYAYNSNIPNVDTYTANWFKTLPTITDKEAASFNYQFLSQLIENNSPIVCAQSNISAVVDSVIQALNERSLTEREGQ
TVISSVKKLLGFLPSSDAMAIFNRYPADIMEKVHKWFA
;
A
2 'polypeptide(L)' RNAEFKVSKNSTSFKNPRRLEIKDGRSLFLRNRGKIHSGVLSSIESDL B
#
# COMPACT_ATOMS: atom_id res chain seq x y z
N ALA A 3 11.99 -55.08 -4.79
CA ALA A 3 10.85 -55.20 -3.82
C ALA A 3 9.46 -55.07 -4.49
N LEU A 4 9.45 -54.96 -5.81
CA LEU A 4 8.22 -55.00 -6.61
C LEU A 4 8.16 -56.25 -7.52
N PRO A 5 6.93 -56.75 -7.85
CA PRO A 5 6.75 -57.73 -8.92
C PRO A 5 7.50 -57.29 -10.19
N GLU A 6 8.21 -58.22 -10.85
CA GLU A 6 9.11 -57.88 -11.96
C GLU A 6 8.39 -57.28 -13.16
N GLU A 7 7.13 -57.66 -13.37
CA GLU A 7 6.36 -57.11 -14.48
C GLU A 7 6.19 -55.59 -14.31
N VAL A 8 5.46 -55.21 -13.25
CA VAL A 8 5.26 -53.84 -12.76
C VAL A 8 6.49 -52.94 -12.99
N ASN A 9 7.68 -53.46 -12.68
CA ASN A 9 8.96 -52.75 -12.90
C ASN A 9 9.23 -52.30 -14.34
N ARG A 10 9.10 -53.19 -15.31
CA ARG A 10 9.37 -52.74 -16.68
C ARG A 10 8.19 -52.01 -17.36
N THR A 11 6.97 -52.19 -16.85
CA THR A 11 5.84 -51.29 -17.20
C THR A 11 6.18 -49.86 -16.77
N LEU A 12 6.46 -49.72 -15.47
CA LEU A 12 6.82 -48.44 -14.89
C LEU A 12 8.13 -47.94 -15.49
N LEU A 13 9.09 -48.82 -15.72
CA LEU A 13 10.37 -48.39 -16.30
C LEU A 13 10.18 -47.81 -17.70
N GLN A 14 9.34 -48.48 -18.50
CA GLN A 14 8.98 -47.99 -19.83
C GLN A 14 8.36 -46.59 -19.75
N ILE A 15 7.33 -46.46 -18.91
CA ILE A 15 6.64 -45.18 -18.67
C ILE A 15 7.58 -44.01 -18.33
N VAL A 16 8.36 -44.18 -17.26
CA VAL A 16 9.32 -43.16 -16.83
C VAL A 16 10.34 -42.81 -17.89
N GLN A 17 10.74 -43.79 -18.70
CA GLN A 17 11.74 -43.57 -19.76
C GLN A 17 11.12 -42.87 -20.94
N ALA A 18 9.84 -43.13 -21.15
CA ALA A 18 9.09 -42.42 -22.16
C ALA A 18 9.02 -40.91 -21.84
N PHE A 19 9.08 -40.57 -20.56
CA PHE A 19 8.99 -39.15 -20.16
C PHE A 19 10.01 -38.24 -20.84
N ALA A 20 11.27 -38.67 -20.90
CA ALA A 20 12.28 -37.98 -21.71
C ALA A 20 12.10 -38.46 -23.14
N ASP A 23 9.81 -36.54 -28.44
CA ASP A 23 8.62 -37.08 -29.08
C ASP A 23 7.35 -36.80 -28.28
N ASN A 24 6.26 -36.58 -29.02
CA ASN A 24 4.92 -36.36 -28.45
C ASN A 24 4.25 -37.68 -28.04
N GLN A 25 4.22 -38.61 -29.01
CA GLN A 25 3.45 -39.88 -28.91
C GLN A 25 3.85 -40.77 -27.73
N ILE A 26 5.05 -41.33 -27.78
CA ILE A 26 5.57 -42.17 -26.69
C ILE A 26 5.37 -41.44 -25.34
N ARG A 27 5.69 -40.15 -25.30
CA ARG A 27 5.60 -39.33 -24.07
C ARG A 27 4.19 -39.02 -23.59
N SER A 28 3.25 -38.80 -24.52
CA SER A 28 1.85 -38.54 -24.14
C SER A 28 1.15 -39.81 -23.61
N VAL A 29 1.37 -40.93 -24.31
CA VAL A 29 0.86 -42.24 -23.89
C VAL A 29 1.29 -42.58 -22.45
N ALA A 30 2.56 -42.32 -22.15
CA ALA A 30 3.10 -42.49 -20.79
C ALA A 30 2.42 -41.55 -19.78
N GLU A 31 2.35 -40.26 -20.12
CA GLU A 31 1.63 -39.30 -19.30
C GLU A 31 0.19 -39.72 -18.95
N LYS A 32 -0.58 -40.18 -19.94
CA LYS A 32 -1.95 -40.65 -19.69
C LYS A 32 -1.93 -41.85 -18.74
N ALA A 33 -1.08 -42.82 -19.09
CA ALA A 33 -0.93 -44.05 -18.32
C ALA A 33 -0.71 -43.79 -16.82
N LEU A 34 0.23 -42.88 -16.57
CA LEU A 34 0.65 -42.48 -15.26
C LEU A 34 -0.50 -41.87 -14.50
N SER A 35 -1.06 -40.79 -15.03
CA SER A 35 -2.08 -40.00 -14.35
C SER A 35 -3.44 -40.66 -14.24
N GLU A 36 -3.82 -41.44 -15.24
CA GLU A 36 -5.16 -42.07 -15.22
C GLU A 36 -5.19 -43.46 -14.58
N GLU A 37 -4.11 -44.23 -14.71
CA GLU A 37 -4.05 -45.60 -14.20
C GLU A 37 -3.21 -45.84 -12.95
N TRP A 38 -2.12 -45.09 -12.81
CA TRP A 38 -1.12 -45.40 -11.79
C TRP A 38 -1.14 -44.51 -10.55
N ILE A 39 -1.73 -43.32 -10.65
CA ILE A 39 -1.89 -42.46 -9.50
C ILE A 39 -3.33 -42.58 -9.02
N THR A 40 -3.65 -43.70 -8.37
CA THR A 40 -5.00 -44.08 -7.97
C THR A 40 -4.88 -44.77 -6.63
N GLU A 41 -5.98 -44.87 -5.90
CA GLU A 41 -5.94 -45.56 -4.61
C GLU A 41 -5.16 -46.89 -4.65
N ASN A 42 -5.25 -47.60 -5.77
CA ASN A 42 -4.71 -48.98 -5.87
C ASN A 42 -3.23 -49.11 -6.25
N ASN A 43 -2.73 -48.11 -6.96
CA ASN A 43 -1.41 -48.25 -7.58
C ASN A 43 -0.40 -47.26 -7.04
N ILE A 44 -0.90 -46.29 -6.28
CA ILE A 44 -0.11 -45.22 -5.74
C ILE A 44 1.13 -45.72 -4.98
N GLU A 45 0.94 -46.73 -4.13
CA GLU A 45 2.05 -47.16 -3.30
C GLU A 45 3.07 -47.97 -4.10
N TYR A 46 2.58 -48.73 -5.06
CA TYR A 46 3.47 -49.37 -6.02
C TYR A 46 4.31 -48.32 -6.74
N LEU A 47 3.65 -47.25 -7.17
CA LEU A 47 4.31 -46.20 -7.93
C LEU A 47 5.39 -45.50 -7.12
N LEU A 48 5.02 -45.10 -5.91
CA LEU A 48 5.95 -44.45 -4.99
C LEU A 48 7.11 -45.37 -4.68
N THR A 49 6.82 -46.65 -4.48
CA THR A 49 7.86 -47.61 -4.21
C THR A 49 8.83 -47.68 -5.39
N PHE A 50 8.28 -47.76 -6.60
CA PHE A 50 9.09 -47.85 -7.79
C PHE A 50 10.05 -46.65 -7.92
N LEU A 51 9.48 -45.45 -7.87
CA LEU A 51 10.21 -44.19 -8.11
C LEU A 51 11.33 -43.99 -7.09
N ALA A 52 11.04 -44.30 -5.82
CA ALA A 52 12.05 -44.27 -4.77
C ALA A 52 13.19 -45.25 -5.07
N GLU A 53 12.87 -46.40 -5.65
CA GLU A 53 13.89 -47.38 -5.96
C GLU A 53 14.77 -46.90 -7.10
N GLN A 54 14.16 -46.29 -8.10
CA GLN A 54 14.89 -45.80 -9.27
C GLN A 54 15.82 -44.69 -8.84
N ALA A 55 15.29 -43.72 -8.09
CA ALA A 55 16.08 -42.58 -7.64
C ALA A 55 17.24 -43.07 -6.80
N ALA A 56 16.98 -44.07 -5.97
CA ALA A 56 18.01 -44.63 -5.10
C ALA A 56 19.07 -45.41 -5.86
N PHE A 57 18.64 -46.24 -6.82
CA PHE A 57 19.52 -47.28 -7.37
C PHE A 57 19.83 -47.20 -8.88
N SER A 58 18.99 -46.53 -9.65
CA SER A 58 19.21 -46.52 -11.10
C SER A 58 20.59 -45.96 -11.46
N GLN A 59 21.26 -46.63 -12.38
CA GLN A 59 22.56 -46.21 -12.88
C GLN A 59 22.44 -45.14 -13.96
N ASP A 60 21.21 -44.92 -14.45
CA ASP A 60 20.97 -43.86 -15.42
C ASP A 60 20.57 -42.55 -14.73
N THR A 61 21.33 -41.49 -15.03
CA THR A 61 21.16 -40.16 -14.43
C THR A 61 19.73 -39.69 -14.58
N THR A 62 19.27 -39.69 -15.82
CA THR A 62 18.00 -39.11 -16.21
C THR A 62 16.81 -39.79 -15.53
N VAL A 63 16.76 -41.11 -15.59
CA VAL A 63 15.71 -41.88 -14.91
C VAL A 63 15.73 -41.62 -13.39
N ALA A 64 16.92 -41.68 -12.79
CA ALA A 64 17.06 -41.42 -11.35
C ALA A 64 16.55 -40.02 -11.03
N ALA A 65 17.07 -39.02 -11.72
CA ALA A 65 16.64 -37.64 -11.54
C ALA A 65 15.11 -37.53 -11.58
N LEU A 66 14.54 -37.96 -12.70
CA LEU A 66 13.11 -37.81 -12.97
C LEU A 66 12.25 -38.44 -11.87
N SER A 67 12.64 -39.64 -11.47
CA SER A 67 11.91 -40.39 -10.48
C SER A 67 12.00 -39.67 -9.16
N ALA A 68 13.19 -39.20 -8.78
CA ALA A 68 13.35 -38.39 -7.56
C ALA A 68 12.35 -37.23 -7.57
N VAL A 69 12.30 -36.48 -8.68
CA VAL A 69 11.37 -35.36 -8.81
C VAL A 69 9.91 -35.82 -8.76
N LEU A 70 9.59 -36.83 -9.55
CA LEU A 70 8.24 -37.38 -9.54
C LEU A 70 7.81 -37.83 -8.16
N PHE A 71 8.70 -38.58 -7.51
CA PHE A 71 8.42 -39.04 -6.18
C PHE A 71 8.05 -37.89 -5.24
N ARG A 72 8.88 -36.84 -5.31
CA ARG A 72 8.69 -35.64 -4.50
C ARG A 72 7.29 -35.09 -4.73
N LYS A 73 6.92 -34.95 -6.01
CA LYS A 73 5.63 -34.36 -6.37
C LYS A 73 4.46 -35.21 -5.89
N LEU A 74 4.53 -36.52 -6.16
CA LEU A 74 3.39 -37.41 -5.91
C LEU A 74 3.23 -37.74 -4.44
N ALA A 75 4.37 -37.73 -3.71
CA ALA A 75 4.38 -38.06 -2.29
C ALA A 75 3.58 -37.06 -1.46
N LEU A 76 3.54 -35.79 -1.90
CA LEU A 76 2.70 -34.77 -1.27
C LEU A 76 1.24 -35.06 -1.53
N LYS A 77 0.90 -35.19 -2.81
CA LYS A 77 -0.46 -35.37 -3.26
C LYS A 77 -1.14 -36.62 -2.68
N ALA A 78 -0.37 -37.65 -2.33
CA ALA A 78 -0.94 -38.94 -1.92
C ALA A 78 -2.04 -38.87 -0.83
N PRO A 79 -1.74 -38.31 0.34
CA PRO A 79 -0.40 -37.90 0.77
C PRO A 79 0.27 -38.95 1.63
N ILE A 80 1.54 -38.66 1.99
CA ILE A 80 2.44 -39.68 2.54
C ILE A 80 1.81 -40.29 3.79
N THR A 81 0.90 -39.55 4.39
CA THR A 81 0.29 -39.94 5.64
C THR A 81 -0.68 -41.11 5.55
N HIS A 82 -1.37 -41.25 4.41
CA HIS A 82 -2.34 -42.34 4.23
C HIS A 82 -1.72 -43.58 3.58
N ILE A 83 -0.38 -43.65 3.56
CA ILE A 83 0.34 -44.78 2.98
C ILE A 83 0.51 -45.84 4.06
N ARG A 84 0.40 -47.12 3.70
CA ARG A 84 0.63 -48.23 4.64
C ARG A 84 2.05 -48.15 5.26
N LYS A 85 2.16 -48.47 6.54
CA LYS A 85 3.44 -48.34 7.25
C LYS A 85 4.56 -49.23 6.67
N GLU A 86 4.23 -50.47 6.32
CA GLU A 86 5.22 -51.38 5.74
C GLU A 86 5.86 -50.81 4.47
N VAL A 87 5.09 -49.99 3.76
CA VAL A 87 5.53 -49.43 2.47
C VAL A 87 6.32 -48.12 2.65
N LEU A 88 5.79 -47.23 3.49
CA LEU A 88 6.57 -46.09 3.94
C LEU A 88 7.98 -46.54 4.38
N ALA A 89 8.06 -47.54 5.26
CA ALA A 89 9.31 -48.04 5.77
C ALA A 89 10.27 -48.48 4.67
N GLN A 90 9.74 -49.22 3.69
CA GLN A 90 10.54 -49.76 2.59
C GLN A 90 11.06 -48.64 1.68
N ILE A 91 10.16 -47.68 1.45
CA ILE A 91 10.47 -46.46 0.71
C ILE A 91 11.58 -45.67 1.43
N ARG A 92 11.36 -45.38 2.72
CA ARG A 92 12.35 -44.70 3.56
C ARG A 92 13.69 -45.39 3.50
N SER A 93 13.70 -46.71 3.63
CA SER A 93 14.95 -47.44 3.72
C SER A 93 15.74 -47.39 2.42
N SER A 94 15.03 -47.36 1.30
CA SER A 94 15.74 -47.38 0.02
C SER A 94 16.22 -45.98 -0.31
N LEU A 95 15.40 -44.99 0.01
CA LEU A 95 15.76 -43.58 -0.13
C LEU A 95 17.05 -43.31 0.62
N LEU A 96 17.09 -43.77 1.86
CA LEU A 96 18.24 -43.60 2.73
C LEU A 96 19.46 -44.32 2.18
N LYS A 97 19.28 -45.56 1.72
CA LYS A 97 20.41 -46.30 1.16
C LYS A 97 20.91 -45.61 -0.11
N GLY A 98 19.99 -45.07 -0.91
CA GLY A 98 20.40 -44.33 -2.09
C GLY A 98 21.25 -43.12 -1.74
N PHE A 99 20.80 -42.37 -0.73
CA PHE A 99 21.50 -41.17 -0.28
C PHE A 99 22.95 -41.46 0.11
N LEU A 100 23.12 -42.58 0.81
CA LEU A 100 24.41 -42.97 1.42
C LEU A 100 25.33 -43.70 0.44
N SER A 101 24.76 -44.08 -0.71
CA SER A 101 25.50 -44.70 -1.79
C SER A 101 26.21 -43.63 -2.59
N GLU A 102 26.83 -44.05 -3.69
CA GLU A 102 27.52 -43.14 -4.56
C GLU A 102 26.63 -42.61 -5.68
N ARG A 103 26.27 -41.33 -5.58
CA ARG A 103 25.44 -40.66 -6.58
C ARG A 103 26.11 -39.35 -7.03
N ALA A 104 25.82 -38.91 -8.25
CA ALA A 104 26.16 -37.55 -8.67
C ALA A 104 25.44 -36.53 -7.78
N ASP A 105 26.11 -35.40 -7.65
CA ASP A 105 25.70 -34.29 -6.80
C ASP A 105 24.21 -33.94 -6.94
N SER A 106 23.79 -33.67 -8.18
CA SER A 106 22.43 -33.20 -8.41
C SER A 106 21.39 -34.27 -8.04
N ILE A 107 21.78 -35.54 -8.16
CA ILE A 107 20.90 -36.64 -7.72
C ILE A 107 20.84 -36.69 -6.20
N ARG A 108 21.98 -36.51 -5.53
CA ARG A 108 21.94 -36.42 -4.07
C ARG A 108 21.00 -35.28 -3.61
N HIS A 109 21.05 -34.15 -4.35
CA HIS A 109 20.19 -33.03 -4.04
C HIS A 109 18.72 -33.45 -4.13
N LYS A 110 18.39 -34.14 -5.23
CA LYS A 110 17.04 -34.60 -5.49
C LYS A 110 16.60 -35.69 -4.52
N LEU A 111 17.55 -36.55 -4.13
CA LEU A 111 17.27 -37.55 -3.11
C LEU A 111 16.92 -36.86 -1.79
N SER A 112 17.73 -35.87 -1.42
CA SER A 112 17.53 -35.12 -0.20
C SER A 112 16.11 -34.59 -0.20
N ASP A 113 15.68 -34.06 -1.35
CA ASP A 113 14.37 -33.44 -1.39
C ASP A 113 13.29 -34.51 -1.28
N ALA A 114 13.58 -35.71 -1.80
CA ALA A 114 12.62 -36.82 -1.75
C ALA A 114 12.47 -37.31 -0.31
N ILE A 115 13.62 -37.49 0.34
CA ILE A 115 13.70 -37.86 1.75
C ILE A 115 12.85 -36.95 2.65
N ALA A 116 12.99 -35.64 2.41
CA ALA A 116 12.24 -34.65 3.16
C ALA A 116 10.74 -34.86 3.10
N GLU A 117 10.23 -35.29 1.95
CA GLU A 117 8.79 -35.58 1.82
C GLU A 117 8.33 -36.75 2.72
N CYS A 118 9.29 -37.51 3.23
CA CYS A 118 9.05 -38.69 4.08
C CYS A 118 9.22 -38.41 5.57
N VAL A 119 9.31 -37.12 5.95
CA VAL A 119 9.43 -36.71 7.35
C VAL A 119 8.29 -35.76 7.72
N GLN A 120 7.57 -36.11 8.77
CA GLN A 120 6.24 -35.57 9.00
C GLN A 120 5.82 -35.75 10.47
N ASP A 121 5.12 -34.75 10.97
CA ASP A 121 4.58 -34.74 12.34
C ASP A 121 3.85 -36.02 12.73
N ASP A 122 2.94 -36.48 11.86
CA ASP A 122 2.10 -37.66 12.11
C ASP A 122 2.74 -38.99 11.72
N LEU A 123 3.82 -38.92 10.95
CA LEU A 123 4.55 -40.08 10.44
C LEU A 123 5.39 -40.68 11.54
N PRO A 124 5.46 -42.04 11.60
CA PRO A 124 6.32 -42.78 12.52
C PRO A 124 7.77 -42.30 12.50
N ALA A 125 8.44 -42.47 13.64
CA ALA A 125 9.79 -41.99 13.86
C ALA A 125 10.74 -42.63 12.88
N TRP A 126 11.71 -41.85 12.44
CA TRP A 126 12.67 -42.33 11.47
C TRP A 126 14.02 -41.98 12.06
N PRO A 127 14.44 -42.75 13.05
CA PRO A 127 15.68 -42.37 13.70
C PRO A 127 16.93 -42.74 12.88
N GLU A 128 16.76 -43.54 11.83
CA GLU A 128 17.87 -43.90 10.94
C GLU A 128 18.30 -42.71 10.09
N LEU A 129 17.34 -41.82 9.81
CA LEU A 129 17.61 -40.58 9.08
C LEU A 129 18.52 -39.68 9.93
N LEU A 130 18.04 -39.38 11.14
CA LEU A 130 18.80 -38.64 12.14
C LEU A 130 20.24 -39.12 12.16
N GLN A 131 20.42 -40.44 12.32
CA GLN A 131 21.76 -40.99 12.39
C GLN A 131 22.54 -40.74 11.07
N ALA A 132 21.88 -40.92 9.94
CA ALA A 132 22.53 -40.73 8.65
C ALA A 132 23.03 -39.30 8.47
N LEU A 133 22.21 -38.34 8.89
CA LEU A 133 22.55 -36.93 8.73
C LEU A 133 23.80 -36.57 9.52
N ILE A 134 23.80 -36.98 10.80
CA ILE A 134 24.92 -36.72 11.69
C ILE A 134 26.24 -37.24 11.11
N GLU A 135 26.23 -38.48 10.64
CA GLU A 135 27.43 -39.05 10.06
C GLU A 135 27.86 -38.35 8.76
N SER A 136 26.86 -37.99 7.93
CA SER A 136 27.15 -37.39 6.65
C SER A 136 27.81 -36.02 6.86
N LEU A 137 27.34 -35.31 7.86
CA LEU A 137 27.91 -34.02 8.18
C LEU A 137 29.40 -34.09 8.45
N LYS A 138 29.90 -35.25 8.92
CA LYS A 138 31.33 -35.43 9.19
C LYS A 138 32.12 -35.99 8.00
N SER A 139 31.41 -36.53 7.01
CA SER A 139 32.06 -36.94 5.75
C SER A 139 33.08 -35.96 5.18
N GLY A 140 34.09 -36.52 4.51
CA GLY A 140 35.10 -35.73 3.80
C GLY A 140 34.62 -35.34 2.41
N ASN A 141 33.41 -35.75 2.05
CA ASN A 141 32.80 -35.32 0.79
C ASN A 141 31.88 -34.09 0.97
N PRO A 142 32.28 -32.94 0.37
CA PRO A 142 31.49 -31.72 0.54
C PRO A 142 30.01 -31.94 0.20
N ASN A 143 29.74 -32.70 -0.86
CA ASN A 143 28.37 -32.89 -1.32
C ASN A 143 27.49 -33.58 -0.27
N PHE A 144 28.10 -34.43 0.55
CA PHE A 144 27.41 -35.07 1.67
C PHE A 144 27.08 -34.08 2.78
N ARG A 145 28.02 -33.19 3.04
CA ARG A 145 27.84 -32.18 4.06
C ARG A 145 26.81 -31.17 3.58
N GLU A 146 26.99 -30.69 2.37
CA GLU A 146 26.08 -29.75 1.77
C GLU A 146 24.64 -30.30 1.79
N SER A 147 24.52 -31.57 1.40
CA SER A 147 23.22 -32.19 1.22
C SER A 147 22.55 -32.39 2.56
N SER A 148 23.36 -32.60 3.60
CA SER A 148 22.76 -32.73 4.91
C SER A 148 22.16 -31.41 5.38
N PHE A 149 22.87 -30.30 5.18
CA PHE A 149 22.29 -29.01 5.57
C PHE A 149 21.05 -28.71 4.74
N ARG A 150 21.08 -29.14 3.50
CA ARG A 150 19.93 -28.94 2.65
C ARG A 150 18.70 -29.63 3.24
N ILE A 151 18.88 -30.87 3.72
CA ILE A 151 17.78 -31.56 4.36
C ILE A 151 17.31 -30.82 5.64
N LEU A 152 18.27 -30.35 6.44
CA LEU A 152 17.94 -29.51 7.60
C LEU A 152 17.25 -28.22 7.21
N THR A 153 17.49 -27.74 5.99
CA THR A 153 16.74 -26.58 5.51
C THR A 153 15.31 -26.95 5.13
N THR A 154 15.16 -28.04 4.38
CA THR A 154 13.83 -28.48 3.98
C THR A 154 12.97 -28.87 5.18
N VAL A 155 13.59 -29.56 6.14
CA VAL A 155 12.93 -30.06 7.37
C VAL A 155 13.59 -29.51 8.65
N PRO A 156 13.40 -28.21 8.93
CA PRO A 156 14.09 -27.61 10.06
C PRO A 156 13.75 -28.29 11.40
N TYR A 157 12.59 -28.94 11.50
CA TYR A 157 12.21 -29.64 12.73
C TYR A 157 13.18 -30.72 13.20
N LEU A 158 13.84 -31.38 12.26
CA LEU A 158 14.93 -32.26 12.61
C LEU A 158 15.98 -31.58 13.49
N ILE A 159 16.11 -30.27 13.40
CA ILE A 159 17.14 -29.59 14.17
C ILE A 159 16.75 -29.62 15.65
N THR A 160 15.45 -29.56 15.93
CA THR A 160 14.88 -29.75 17.29
C THR A 160 15.18 -31.12 17.90
N ALA A 161 15.34 -32.12 17.02
CA ALA A 161 15.36 -33.53 17.38
C ALA A 161 16.74 -34.03 17.76
N VAL A 162 17.75 -33.39 17.19
CA VAL A 162 19.14 -33.70 17.46
C VAL A 162 19.50 -33.08 18.81
N ASP A 163 20.41 -33.72 19.55
CA ASP A 163 20.86 -33.19 20.83
C ASP A 163 21.53 -31.84 20.65
N ILE A 164 21.18 -30.92 21.54
CA ILE A 164 21.69 -29.55 21.47
C ILE A 164 23.22 -29.48 21.39
N ASN A 165 23.94 -30.35 22.10
CA ASN A 165 25.39 -30.34 22.09
C ASN A 165 26.03 -31.01 20.86
N SER A 166 25.19 -31.52 19.99
CA SER A 166 25.64 -32.02 18.70
C SER A 166 25.31 -30.97 17.64
N ILE A 167 24.14 -30.36 17.77
CA ILE A 167 23.69 -29.47 16.73
C ILE A 167 24.49 -28.17 16.72
N LEU A 168 24.86 -27.68 17.91
CA LEU A 168 25.71 -26.49 18.06
C LEU A 168 27.04 -26.59 17.29
N PRO A 169 27.88 -27.60 17.60
CA PRO A 169 29.12 -27.80 16.84
C PRO A 169 28.90 -28.06 15.36
N ILE A 170 27.77 -28.64 15.02
CA ILE A 170 27.46 -28.94 13.64
C ILE A 170 27.46 -27.64 12.85
N PHE A 171 26.66 -26.68 13.32
CA PHE A 171 26.60 -25.42 12.63
C PHE A 171 27.89 -24.61 12.69
N GLN A 172 28.64 -24.68 13.80
CA GLN A 172 29.90 -23.95 13.94
C GLN A 172 30.97 -24.45 12.98
N SER A 173 30.99 -25.74 12.77
CA SER A 173 31.84 -26.35 11.79
C SER A 173 31.32 -25.95 10.41
N GLY A 174 30.01 -25.95 10.25
CA GLY A 174 29.34 -25.57 9.00
C GLY A 174 29.76 -24.19 8.53
N PHE A 175 29.77 -23.20 9.42
CA PHE A 175 30.08 -21.79 9.08
C PHE A 175 31.52 -21.62 8.65
N THR A 176 32.33 -22.61 8.95
CA THR A 176 33.77 -22.51 8.97
C THR A 176 34.35 -23.50 7.96
N ASP A 177 33.47 -24.30 7.36
CA ASP A 177 33.82 -25.34 6.38
C ASP A 177 34.68 -24.78 5.24
N ALA A 178 35.67 -25.56 4.80
CA ALA A 178 36.56 -25.17 3.70
C ALA A 178 35.81 -25.05 2.35
N SER A 179 34.69 -25.72 2.20
CA SER A 179 33.89 -25.56 0.99
C SER A 179 32.88 -24.41 1.11
N ASP A 180 32.96 -23.49 0.16
CA ASP A 180 31.98 -22.43 0.07
C ASP A 180 30.54 -22.94 -0.01
N ASN A 181 30.33 -23.98 -0.82
CA ASN A 181 28.99 -24.53 -0.99
C ASN A 181 28.42 -24.95 0.34
N VAL A 182 29.28 -25.55 1.16
CA VAL A 182 28.83 -26.07 2.43
C VAL A 182 28.47 -24.90 3.34
N LYS A 183 29.34 -23.89 3.36
CA LYS A 183 29.07 -22.69 4.12
C LYS A 183 27.69 -22.09 3.80
N ILE A 184 27.44 -21.88 2.52
CA ILE A 184 26.20 -21.25 2.11
C ILE A 184 25.01 -22.09 2.61
N ALA A 185 25.12 -23.41 2.50
CA ALA A 185 24.04 -24.31 2.93
C ALA A 185 23.91 -24.32 4.45
N ALA A 186 25.05 -24.26 5.17
CA ALA A 186 24.99 -24.11 6.63
C ALA A 186 24.23 -22.84 7.04
N VAL A 187 24.58 -21.73 6.40
CA VAL A 187 24.00 -20.46 6.72
C VAL A 187 22.50 -20.52 6.36
N THR A 188 22.20 -21.08 5.20
CA THR A 188 20.82 -21.21 4.74
C THR A 188 20.01 -22.01 5.74
N ALA A 189 20.58 -23.13 6.20
CA ALA A 189 19.91 -23.98 7.17
C ALA A 189 19.68 -23.29 8.50
N PHE A 190 20.68 -22.51 8.91
CA PHE A 190 20.67 -21.83 10.18
C PHE A 190 19.54 -20.80 10.16
N VAL A 191 19.44 -20.01 9.09
CA VAL A 191 18.36 -19.01 9.03
C VAL A 191 17.00 -19.68 8.85
N GLY A 192 16.97 -20.76 8.07
CA GLY A 192 15.70 -21.45 7.80
C GLY A 192 15.02 -21.90 9.08
N TYR A 193 15.84 -22.20 10.08
CA TYR A 193 15.34 -22.63 11.37
C TYR A 193 14.45 -21.54 11.96
N PHE A 194 14.90 -20.30 11.86
CA PHE A 194 14.15 -19.19 12.43
C PHE A 194 12.97 -18.90 11.57
N LYS A 195 13.10 -19.13 10.26
CA LYS A 195 11.99 -18.94 9.34
C LYS A 195 10.77 -19.78 9.66
N GLN A 196 11.00 -20.96 10.24
CA GLN A 196 10.04 -22.02 10.19
C GLN A 196 9.53 -22.35 11.56
N LEU A 197 10.35 -22.19 12.58
CA LEU A 197 10.00 -22.59 13.94
C LEU A 197 9.41 -21.48 14.79
N PRO A 198 8.65 -21.82 15.85
CA PRO A 198 8.12 -20.72 16.66
C PRO A 198 9.24 -19.97 17.38
N LYS A 199 9.04 -18.69 17.71
CA LYS A 199 10.04 -17.90 18.41
C LYS A 199 10.50 -18.53 19.72
N SER A 200 9.59 -19.26 20.38
CA SER A 200 9.94 -19.95 21.63
C SER A 200 11.07 -20.96 21.40
N GLU A 201 11.35 -21.30 20.14
CA GLU A 201 12.43 -22.24 19.83
C GLU A 201 13.71 -21.52 19.43
N TRP A 202 13.62 -20.20 19.25
CA TRP A 202 14.70 -19.44 18.61
C TRP A 202 15.95 -19.36 19.47
N SER A 203 15.75 -19.23 20.77
CA SER A 203 16.82 -18.94 21.71
C SER A 203 17.84 -20.05 21.76
N LYS A 204 17.56 -21.11 21.04
CA LYS A 204 18.29 -22.33 21.24
C LYS A 204 19.43 -22.39 20.20
N LEU A 205 19.20 -21.73 19.07
CA LEU A 205 20.24 -21.52 18.07
C LEU A 205 20.74 -20.10 18.05
N GLY A 206 19.96 -19.19 18.63
CA GLY A 206 20.32 -17.77 18.62
C GLY A 206 21.79 -17.57 19.00
N ILE A 207 22.20 -18.34 19.99
CA ILE A 207 23.51 -18.18 20.56
C ILE A 207 24.64 -18.37 19.55
N LEU A 208 24.31 -18.92 18.38
CA LEU A 208 25.33 -19.20 17.35
C LEU A 208 25.59 -17.99 16.45
N LEU A 209 24.77 -16.95 16.54
CA LEU A 209 24.92 -15.83 15.64
C LEU A 209 26.38 -15.26 15.64
N PRO A 210 27.01 -15.04 16.81
CA PRO A 210 28.37 -14.53 16.76
C PRO A 210 29.38 -15.40 16.01
N SER A 211 29.24 -16.71 16.08
CA SER A 211 30.11 -17.58 15.29
C SER A 211 29.89 -17.31 13.82
N LEU A 212 28.65 -17.09 13.43
CA LEU A 212 28.34 -16.83 12.02
C LEU A 212 28.99 -15.53 11.61
N LEU A 213 28.74 -14.49 12.40
CA LEU A 213 29.27 -13.17 12.09
C LEU A 213 30.78 -13.25 12.05
N ASN A 214 31.38 -13.94 13.02
CA ASN A 214 32.82 -14.11 13.07
C ASN A 214 33.42 -14.86 11.87
N SER A 215 32.61 -15.59 11.13
CA SER A 215 33.13 -16.39 10.05
C SER A 215 33.27 -15.53 8.82
N LEU A 216 32.61 -14.37 8.83
CA LEU A 216 32.46 -13.55 7.63
C LEU A 216 33.75 -12.99 7.04
N PRO A 217 34.70 -12.53 7.89
CA PRO A 217 35.88 -11.93 7.25
C PRO A 217 36.69 -12.90 6.40
N ARG A 218 36.54 -14.18 6.63
CA ARG A 218 37.22 -15.17 5.83
C ARG A 218 36.83 -15.14 4.36
N PHE A 219 35.61 -14.73 4.06
CA PHE A 219 35.24 -14.67 2.67
C PHE A 219 36.08 -13.64 1.93
N LEU A 220 36.41 -12.54 2.58
CA LEU A 220 37.23 -11.53 1.92
C LEU A 220 38.69 -11.96 1.83
N ASP A 221 39.14 -12.79 2.78
CA ASP A 221 40.53 -13.29 2.82
C ASP A 221 40.81 -14.22 1.63
N ASP A 222 39.90 -15.17 1.41
CA ASP A 222 39.95 -16.07 0.27
C ASP A 222 39.50 -15.44 -1.05
N GLY A 223 39.04 -14.18 -1.00
CA GLY A 223 38.52 -13.47 -2.18
C GLY A 223 37.28 -14.12 -2.77
N LYS A 224 36.35 -14.52 -1.92
CA LYS A 224 35.16 -15.27 -2.33
C LYS A 224 33.90 -14.44 -2.10
N ASP A 225 33.82 -13.32 -2.82
CA ASP A 225 32.81 -12.31 -2.55
C ASP A 225 31.41 -12.68 -3.07
N ASP A 226 31.36 -13.45 -4.15
CA ASP A 226 30.11 -14.04 -4.61
C ASP A 226 29.41 -14.90 -3.54
N ALA A 227 30.20 -15.72 -2.85
CA ALA A 227 29.67 -16.53 -1.76
C ALA A 227 29.31 -15.64 -0.57
N LEU A 228 30.07 -14.56 -0.38
CA LEU A 228 29.73 -13.58 0.64
C LEU A 228 28.34 -13.01 0.35
N ALA A 229 28.09 -12.65 -0.91
CA ALA A 229 26.81 -12.09 -1.28
C ALA A 229 25.67 -13.01 -0.86
N SER A 230 25.81 -14.31 -1.14
CA SER A 230 24.76 -15.28 -0.74
C SER A 230 24.53 -15.32 0.76
N VAL A 231 25.59 -15.28 1.53
CA VAL A 231 25.46 -15.23 2.98
C VAL A 231 24.81 -13.91 3.40
N PHE A 232 25.15 -12.81 2.74
CA PHE A 232 24.53 -11.56 3.07
C PHE A 232 23.01 -11.72 2.85
N GLU A 233 22.61 -12.39 1.78
CA GLU A 233 21.19 -12.61 1.50
C GLU A 233 20.47 -13.39 2.64
N SER A 234 21.13 -14.39 3.20
CA SER A 234 20.52 -15.09 4.30
C SER A 234 20.40 -14.18 5.51
N LEU A 235 21.46 -13.40 5.72
CA LEU A 235 21.53 -12.54 6.88
C LEU A 235 20.46 -11.44 6.80
N ILE A 236 20.18 -10.97 5.58
CA ILE A 236 19.10 -10.04 5.34
C ILE A 236 17.77 -10.62 5.77
N GLU A 237 17.56 -11.92 5.50
CA GLU A 237 16.33 -12.59 5.94
C GLU A 237 16.27 -12.64 7.44
N LEU A 238 17.40 -12.94 8.08
CA LEU A 238 17.46 -13.00 9.53
C LEU A 238 17.24 -11.64 10.20
N VAL A 239 17.66 -10.57 9.55
CA VAL A 239 17.42 -9.25 10.12
C VAL A 239 15.94 -8.94 10.19
N GLU A 240 15.20 -9.40 9.17
CA GLU A 240 13.76 -9.16 9.06
C GLU A 240 12.99 -9.99 10.04
N LEU A 241 13.65 -11.00 10.62
CA LEU A 241 13.01 -11.95 11.52
C LEU A 241 13.32 -11.67 12.97
N ALA A 242 14.59 -11.39 13.22
CA ALA A 242 15.05 -11.22 14.58
C ALA A 242 16.09 -10.14 14.69
N PRO A 243 15.73 -8.89 14.36
CA PRO A 243 16.77 -7.88 14.39
C PRO A 243 17.51 -7.75 15.72
N LYS A 244 16.77 -7.88 16.84
CA LYS A 244 17.38 -7.67 18.16
C LYS A 244 18.46 -8.66 18.49
N LEU A 245 18.43 -9.81 17.83
CA LEU A 245 19.49 -10.81 17.97
C LEU A 245 20.84 -10.20 17.64
N PHE A 246 20.84 -9.14 16.83
CA PHE A 246 22.07 -8.58 16.34
C PHE A 246 22.64 -7.51 17.27
N LYS A 247 21.89 -7.12 18.30
CA LYS A 247 22.25 -5.95 19.10
C LYS A 247 23.70 -5.96 19.56
N ASP A 248 24.14 -7.06 20.18
CA ASP A 248 25.46 -7.09 20.79
C ASP A 248 26.60 -7.02 19.79
N MET A 249 26.39 -7.41 18.54
CA MET A 249 27.50 -7.27 17.60
C MET A 249 27.17 -6.29 16.49
N PHE A 250 26.26 -5.39 16.81
CA PHE A 250 25.77 -4.45 15.82
C PHE A 250 26.90 -3.66 15.20
N ASP A 251 27.77 -3.08 16.04
CA ASP A 251 28.92 -2.31 15.51
C ASP A 251 29.80 -3.19 14.68
N GLN A 252 29.92 -4.47 15.03
CA GLN A 252 30.78 -5.30 14.22
C GLN A 252 30.23 -5.48 12.80
N ILE A 253 28.92 -5.66 12.65
CA ILE A 253 28.37 -5.89 11.34
C ILE A 253 28.37 -4.62 10.50
N ILE A 254 28.12 -3.50 11.15
CA ILE A 254 28.16 -2.18 10.53
C ILE A 254 29.52 -1.92 9.92
N GLN A 255 30.55 -2.13 10.73
CA GLN A 255 31.92 -1.94 10.31
C GLN A 255 32.29 -2.88 9.19
N PHE A 256 31.78 -4.10 9.25
CA PHE A 256 32.05 -5.09 8.21
C PHE A 256 31.45 -4.68 6.88
N THR A 257 30.20 -4.24 6.91
CA THR A 257 29.57 -3.90 5.67
C THR A 257 30.25 -2.68 5.07
N ASP A 258 30.68 -1.76 5.95
CA ASP A 258 31.48 -0.61 5.55
C ASP A 258 32.69 -1.06 4.76
N MET A 259 33.46 -1.95 5.36
CA MET A 259 34.67 -2.45 4.77
C MET A 259 34.46 -3.08 3.39
N VAL A 260 33.33 -3.78 3.22
CA VAL A 260 33.05 -4.42 1.95
C VAL A 260 32.78 -3.41 0.85
N ILE A 261 31.89 -2.48 1.16
CA ILE A 261 31.43 -1.50 0.17
C ILE A 261 32.58 -0.59 -0.34
N LYS A 262 33.50 -0.22 0.55
CA LYS A 262 34.68 0.58 0.22
C LYS A 262 35.68 -0.09 -0.74
N ASN A 263 35.77 -1.40 -0.65
CA ASN A 263 36.70 -2.17 -1.45
C ASN A 263 36.15 -2.24 -2.86
N LYS A 264 36.54 -1.29 -3.71
CA LYS A 264 35.82 -1.18 -4.97
C LYS A 264 36.49 -1.87 -6.16
N ASP A 265 37.29 -2.87 -5.80
CA ASP A 265 37.81 -3.88 -6.72
C ASP A 265 36.95 -5.13 -6.64
N LEU A 266 36.07 -5.16 -5.64
CA LEU A 266 35.10 -6.23 -5.44
C LEU A 266 34.06 -6.04 -6.50
N GLU A 267 33.42 -7.12 -6.90
CA GLU A 267 32.34 -7.03 -7.85
C GLU A 267 31.09 -6.49 -7.18
N PRO A 268 30.19 -5.93 -7.97
CA PRO A 268 29.00 -5.31 -7.38
C PRO A 268 28.13 -6.14 -6.40
N PRO A 269 27.92 -7.47 -6.64
CA PRO A 269 27.01 -8.25 -5.77
C PRO A 269 27.29 -8.21 -4.26
N ALA A 270 28.56 -8.35 -3.91
CA ALA A 270 28.96 -8.26 -2.52
C ALA A 270 28.65 -6.89 -1.97
N ARG A 271 28.77 -5.87 -2.84
CA ARG A 271 28.67 -4.49 -2.42
C ARG A 271 27.21 -4.10 -2.32
N THR A 272 26.39 -4.54 -3.26
CA THR A 272 25.01 -4.19 -3.21
C THR A 272 24.27 -4.93 -2.09
N THR A 273 24.59 -6.21 -1.89
CA THR A 273 23.98 -6.95 -0.78
C THR A 273 24.47 -6.44 0.57
N ALA A 274 25.74 -6.05 0.65
CA ALA A 274 26.21 -5.47 1.89
C ALA A 274 25.45 -4.18 2.25
N LEU A 275 25.23 -3.34 1.25
CA LEU A 275 24.46 -2.12 1.45
C LEU A 275 23.03 -2.49 1.92
N GLU A 276 22.42 -3.47 1.21
CA GLU A 276 21.08 -4.00 1.55
C GLU A 276 20.99 -4.47 3.01
N LEU A 277 22.02 -5.23 3.42
CA LEU A 277 22.14 -5.62 4.81
C LEU A 277 22.04 -4.41 5.69
N LEU A 278 22.87 -3.40 5.44
CA LEU A 278 22.84 -2.22 6.31
C LEU A 278 21.48 -1.55 6.30
N THR A 279 20.90 -1.43 5.11
CA THR A 279 19.65 -0.72 4.90
C THR A 279 18.49 -1.30 5.70
N VAL A 280 18.41 -2.61 5.66
CA VAL A 280 17.29 -3.36 6.20
C VAL A 280 17.20 -3.28 7.76
N PHE A 281 18.32 -2.99 8.43
CA PHE A 281 18.22 -2.74 9.87
C PHE A 281 17.31 -1.52 10.14
N SER A 282 17.34 -0.51 9.25
CA SER A 282 16.54 0.67 9.54
C SER A 282 15.07 0.35 9.41
N GLU A 283 14.77 -0.67 8.61
CA GLU A 283 13.37 -1.04 8.34
C GLU A 283 12.80 -1.96 9.40
N ASN A 284 13.66 -2.57 10.21
CA ASN A 284 13.23 -3.60 11.15
C ASN A 284 13.62 -3.29 12.57
N ALA A 285 14.60 -2.43 12.75
CA ALA A 285 15.04 -2.04 14.07
C ALA A 285 15.42 -0.57 14.05
N PRO A 286 14.42 0.32 13.91
CA PRO A 286 14.76 1.74 13.80
C PRO A 286 15.33 2.31 15.09
N GLN A 287 14.81 1.89 16.25
CA GLN A 287 15.30 2.39 17.55
C GLN A 287 16.75 1.97 17.77
N MET A 288 17.07 0.74 17.39
CA MET A 288 18.43 0.22 17.45
C MET A 288 19.33 1.05 16.55
N CYS A 289 18.89 1.38 15.34
CA CYS A 289 19.73 2.23 14.49
C CYS A 289 19.97 3.62 15.10
N LYS A 290 18.91 4.21 15.64
CA LYS A 290 18.90 5.55 16.22
C LYS A 290 19.66 5.63 17.52
N SER A 291 19.72 4.53 18.26
CA SER A 291 20.45 4.52 19.51
C SER A 291 21.96 4.33 19.27
N ASN A 292 22.38 4.27 18.00
CA ASN A 292 23.79 4.05 17.66
C ASN A 292 24.33 5.01 16.59
N GLN A 293 25.06 6.07 16.99
CA GLN A 293 25.50 7.15 16.03
C GLN A 293 26.29 6.59 14.84
N ASN A 294 26.88 5.42 15.06
CA ASN A 294 27.68 4.78 14.06
C ASN A 294 26.89 4.31 12.84
N TYR A 295 25.66 3.87 13.05
CA TYR A 295 24.88 3.31 11.98
C TYR A 295 24.67 4.42 10.96
N GLY A 296 24.10 5.51 11.45
CA GLY A 296 23.75 6.65 10.59
C GLY A 296 24.92 7.13 9.78
N GLN A 297 26.09 7.22 10.45
CA GLN A 297 27.33 7.76 9.89
C GLN A 297 27.88 6.87 8.77
N THR A 298 27.93 5.58 9.07
CA THR A 298 28.33 4.60 8.09
C THR A 298 27.39 4.57 6.89
N LEU A 299 26.09 4.59 7.14
CA LEU A 299 25.13 4.41 6.06
C LEU A 299 25.16 5.57 5.11
N VAL A 300 25.22 6.79 5.64
CA VAL A 300 25.37 8.01 4.81
C VAL A 300 26.71 7.97 4.03
N MET A 301 27.77 7.64 4.74
CA MET A 301 29.11 7.59 4.13
C MET A 301 29.14 6.67 2.93
N VAL A 302 28.65 5.44 3.11
CA VAL A 302 28.78 4.45 2.06
C VAL A 302 27.87 4.74 0.88
N THR A 303 26.71 5.32 1.12
CA THR A 303 25.87 5.61 -0.01
C THR A 303 26.47 6.76 -0.82
N LEU A 304 27.06 7.75 -0.14
CA LEU A 304 27.76 8.85 -0.85
C LEU A 304 28.92 8.34 -1.70
N ILE A 305 29.67 7.39 -1.17
CA ILE A 305 30.70 6.76 -1.98
C ILE A 305 30.12 6.14 -3.24
N MET A 306 29.09 5.30 -3.08
CA MET A 306 28.51 4.56 -4.21
C MET A 306 27.85 5.46 -5.23
N MET A 307 27.30 6.59 -4.78
CA MET A 307 26.62 7.53 -5.71
C MET A 307 27.57 8.18 -6.71
N THR A 308 28.87 8.10 -6.43
CA THR A 308 29.86 8.76 -7.27
C THR A 308 30.26 7.86 -8.42
N GLU A 309 29.83 6.62 -8.37
CA GLU A 309 30.24 5.67 -9.37
C GLU A 309 29.39 5.78 -10.67
N VAL A 310 29.60 6.88 -11.42
CA VAL A 310 28.83 7.16 -12.66
C VAL A 310 29.75 7.57 -13.76
N SER A 311 29.31 7.36 -15.00
CA SER A 311 30.06 7.76 -16.20
C SER A 311 31.48 7.29 -16.07
N ILE A 312 31.68 6.09 -15.55
CA ILE A 312 33.05 5.66 -15.31
C ILE A 312 33.74 5.58 -16.65
N ASP A 313 35.02 5.94 -16.64
CA ASP A 313 35.83 5.92 -17.84
C ASP A 313 35.28 6.88 -18.87
N ASP A 314 34.60 7.94 -18.44
CA ASP A 314 34.00 8.88 -19.40
C ASP A 314 33.81 10.21 -18.74
N ASP A 315 34.92 10.90 -18.51
CA ASP A 315 34.89 12.15 -17.75
C ASP A 315 34.07 13.29 -18.30
N ASP A 316 33.87 13.32 -19.62
CA ASP A 316 33.07 14.37 -20.25
C ASP A 316 31.59 14.04 -20.23
N ALA A 317 31.28 12.76 -20.00
CA ALA A 317 29.91 12.28 -19.96
C ALA A 317 29.33 12.26 -21.38
N ALA A 318 30.20 12.40 -22.36
CA ALA A 318 29.79 12.26 -23.72
C ALA A 318 28.65 11.22 -23.88
N GLU A 319 28.82 10.00 -23.37
CA GLU A 319 27.80 8.97 -23.61
C GLU A 319 26.45 9.36 -23.00
N TRP A 320 26.51 10.03 -21.85
CA TRP A 320 25.35 10.43 -21.12
C TRP A 320 24.67 11.60 -21.79
N ILE A 321 25.47 12.54 -22.32
CA ILE A 321 24.95 13.69 -23.06
C ILE A 321 24.20 13.27 -24.32
N GLU A 322 24.62 12.15 -24.88
CA GLU A 322 24.14 11.72 -26.20
C GLU A 322 22.95 10.79 -26.11
N SER A 323 22.58 10.36 -24.90
CA SER A 323 21.50 9.38 -24.77
C SER A 323 20.20 10.05 -24.39
N ASP A 324 19.12 9.27 -24.32
CA ASP A 324 17.83 9.84 -23.95
C ASP A 324 17.74 10.06 -22.41
N ASP A 325 16.63 10.62 -21.97
CA ASP A 325 16.46 10.97 -20.57
C ASP A 325 15.96 9.80 -19.74
N THR A 326 16.49 8.62 -20.01
CA THR A 326 16.24 7.50 -19.13
C THR A 326 17.54 7.22 -18.38
N ASP A 327 17.43 6.33 -17.39
CA ASP A 327 18.55 5.87 -16.55
C ASP A 327 19.48 4.97 -17.35
N ASP A 328 20.78 5.09 -17.12
CA ASP A 328 21.72 4.12 -17.64
C ASP A 328 21.71 2.94 -16.70
N GLU A 329 21.23 1.81 -17.20
CA GLU A 329 20.99 0.64 -16.37
C GLU A 329 22.32 -0.03 -15.96
N GLU A 330 23.44 0.46 -16.50
CA GLU A 330 24.78 0.03 -16.11
C GLU A 330 25.23 0.69 -14.80
N GLU A 331 24.61 1.80 -14.41
CA GLU A 331 25.00 2.45 -13.15
C GLU A 331 24.32 1.87 -11.89
N VAL A 332 24.61 0.60 -11.60
CA VAL A 332 23.87 -0.18 -10.60
C VAL A 332 24.08 0.25 -9.16
N THR A 333 25.34 0.42 -8.76
CA THR A 333 25.66 0.81 -7.39
C THR A 333 25.09 2.20 -7.10
N TYR A 334 25.15 3.07 -8.10
CA TYR A 334 24.63 4.43 -7.96
C TYR A 334 23.14 4.36 -7.73
N ASP A 335 22.44 3.53 -8.50
CA ASP A 335 21.00 3.41 -8.32
C ASP A 335 20.64 2.87 -6.93
N HIS A 336 21.36 1.84 -6.52
CA HIS A 336 21.22 1.24 -5.22
C HIS A 336 21.46 2.18 -4.07
N ALA A 337 22.50 3.01 -4.19
CA ALA A 337 22.80 3.96 -3.15
C ALA A 337 21.68 5.00 -2.98
N ARG A 338 21.11 5.48 -4.08
CA ARG A 338 20.06 6.45 -3.94
C ARG A 338 18.92 5.79 -3.15
N GLN A 339 18.43 4.67 -3.65
CA GLN A 339 17.35 3.96 -3.04
C GLN A 339 17.55 3.67 -1.57
N ALA A 340 18.74 3.21 -1.23
CA ALA A 340 19.08 2.96 0.16
C ALA A 340 18.96 4.20 1.07
N LEU A 341 19.59 5.31 0.66
CA LEU A 341 19.53 6.54 1.42
C LEU A 341 18.06 6.93 1.62
N ASP A 342 17.32 6.91 0.52
CA ASP A 342 15.90 7.21 0.52
C ASP A 342 15.24 6.33 1.56
N ARG A 343 15.41 5.01 1.46
CA ARG A 343 14.70 4.11 2.39
C ARG A 343 15.03 4.35 3.84
N VAL A 344 16.31 4.49 4.18
CA VAL A 344 16.68 4.78 5.54
C VAL A 344 16.19 6.17 6.02
N ALA A 345 16.28 7.20 5.18
CA ALA A 345 15.79 8.51 5.59
C ALA A 345 14.30 8.39 5.92
N LEU A 346 13.56 7.64 5.11
CA LEU A 346 12.11 7.55 5.31
C LEU A 346 11.81 6.87 6.64
N LYS A 347 12.64 5.92 7.03
CA LYS A 347 12.46 5.18 8.27
C LYS A 347 12.95 5.92 9.51
N LEU A 348 14.08 6.61 9.42
CA LEU A 348 14.72 7.23 10.59
C LEU A 348 14.42 8.75 10.84
N GLY A 349 14.01 9.49 9.82
CA GLY A 349 13.79 10.92 9.97
C GLY A 349 15.08 11.73 9.88
N GLY A 350 14.87 13.04 9.77
CA GLY A 350 15.95 14.00 9.66
C GLY A 350 16.58 14.31 11.00
N GLU A 351 15.76 14.31 12.04
CA GLU A 351 16.22 14.42 13.42
C GLU A 351 17.50 13.64 13.56
N TYR A 352 17.48 12.37 13.13
CA TYR A 352 18.67 11.51 13.15
C TYR A 352 19.66 11.65 11.98
N LEU A 353 19.23 11.72 10.72
CA LEU A 353 20.28 11.76 9.67
C LEU A 353 20.73 13.06 9.07
N ALA A 354 20.05 14.17 9.31
CA ALA A 354 20.38 15.36 8.52
C ALA A 354 21.82 15.80 8.82
N ALA A 355 22.13 15.88 10.11
CA ALA A 355 23.44 16.21 10.57
C ALA A 355 24.55 15.42 9.85
N PRO A 356 24.56 14.08 9.98
CA PRO A 356 25.64 13.37 9.31
C PRO A 356 25.59 13.55 7.78
N LEU A 357 24.39 13.66 7.23
CA LEU A 357 24.24 13.86 5.79
C LEU A 357 24.95 15.16 5.41
N PHE A 358 24.55 16.22 6.09
CA PHE A 358 25.03 17.50 5.68
C PHE A 358 26.51 17.70 5.93
N GLN A 359 27.05 16.99 6.91
CA GLN A 359 28.46 17.06 7.21
C GLN A 359 29.25 16.75 5.97
N TYR A 360 28.75 15.79 5.21
CA TYR A 360 29.41 15.36 4.02
C TYR A 360 29.11 16.24 2.81
N LEU A 361 27.85 16.65 2.66
CA LEU A 361 27.46 17.41 1.50
C LEU A 361 28.23 18.74 1.39
N GLN A 362 28.37 19.44 2.53
CA GLN A 362 29.06 20.73 2.60
C GLN A 362 30.40 20.56 1.87
N GLN A 363 31.00 19.41 2.09
CA GLN A 363 32.32 19.15 1.57
C GLN A 363 32.33 18.71 0.10
N MET A 364 31.42 17.81 -0.26
CA MET A 364 31.33 17.35 -1.62
C MET A 364 30.89 18.43 -2.59
N ILE A 365 30.03 19.36 -2.16
CA ILE A 365 29.67 20.46 -3.05
C ILE A 365 30.92 21.22 -3.58
N THR A 366 31.99 21.25 -2.78
CA THR A 366 33.19 22.01 -3.12
C THR A 366 34.32 21.23 -3.81
N SER A 367 34.20 19.92 -3.95
CA SER A 367 35.24 19.09 -4.56
C SER A 367 35.58 19.48 -6.01
N THR A 368 36.80 19.16 -6.45
CA THR A 368 37.13 19.30 -7.88
C THR A 368 36.73 18.08 -8.67
N GLU A 369 36.33 17.01 -7.98
CA GLU A 369 35.82 15.89 -8.73
C GLU A 369 34.31 16.06 -8.95
N TRP A 370 33.93 16.13 -10.24
CA TRP A 370 32.55 16.41 -10.59
C TRP A 370 31.62 15.36 -10.03
N ARG A 371 32.06 14.10 -10.12
CA ARG A 371 31.33 12.98 -9.60
C ARG A 371 30.85 13.19 -8.15
N GLU A 372 31.62 13.89 -7.33
CA GLU A 372 31.21 14.18 -5.96
C GLU A 372 30.26 15.33 -5.80
N ARG A 373 30.34 16.28 -6.73
CA ARG A 373 29.42 17.42 -6.73
C ARG A 373 28.03 16.93 -7.17
N PHE A 374 28.03 16.04 -8.15
CA PHE A 374 26.84 15.35 -8.59
C PHE A 374 26.28 14.51 -7.44
N ALA A 375 27.11 13.62 -6.90
CA ALA A 375 26.67 12.74 -5.83
C ALA A 375 25.92 13.52 -4.75
N ALA A 376 26.41 14.73 -4.49
CA ALA A 376 25.87 15.54 -3.43
C ALA A 376 24.40 15.85 -3.73
N MET A 377 24.14 16.20 -4.98
CA MET A 377 22.84 16.64 -5.39
C MET A 377 21.86 15.46 -5.32
N MET A 378 22.31 14.34 -5.88
CA MET A 378 21.47 13.18 -5.90
C MET A 378 21.19 12.64 -4.49
N ALA A 379 22.13 12.75 -3.56
CA ALA A 379 21.92 12.30 -2.20
C ALA A 379 20.86 13.12 -1.47
N LEU A 380 20.89 14.43 -1.67
CA LEU A 380 19.94 15.33 -1.05
C LEU A 380 18.56 15.00 -1.60
N SER A 381 18.53 14.77 -2.91
CA SER A 381 17.36 14.39 -3.62
C SER A 381 16.77 13.14 -3.03
N SER A 382 17.61 12.16 -2.68
CA SER A 382 17.13 10.90 -2.09
C SER A 382 16.58 11.06 -0.67
N ALA A 383 17.25 11.90 0.12
CA ALA A 383 16.98 12.02 1.52
C ALA A 383 15.98 13.09 1.81
N ALA A 384 15.61 13.93 0.86
CA ALA A 384 14.85 15.11 1.19
C ALA A 384 13.50 14.76 1.81
N GLU A 385 12.81 13.80 1.23
CA GLU A 385 11.48 13.48 1.77
C GLU A 385 11.57 12.93 3.19
N GLY A 386 12.44 11.94 3.39
CA GLY A 386 12.59 11.33 4.69
C GLY A 386 13.02 12.31 5.75
N CYS A 387 13.83 13.28 5.36
CA CYS A 387 14.36 14.29 6.27
C CYS A 387 13.54 15.58 6.26
N ALA A 388 12.38 15.61 5.63
CA ALA A 388 11.55 16.84 5.55
C ALA A 388 11.24 17.47 6.88
N ASP A 389 10.98 16.67 7.91
CA ASP A 389 10.62 17.15 9.24
C ASP A 389 11.59 18.21 9.77
N VAL A 390 12.83 18.10 9.33
CA VAL A 390 13.89 19.02 9.70
C VAL A 390 14.19 19.98 8.53
N LEU A 391 14.32 19.43 7.33
CA LEU A 391 14.79 20.18 6.18
C LEU A 391 13.83 21.21 5.67
N ILE A 392 12.55 21.05 6.01
CA ILE A 392 11.50 21.98 5.57
C ILE A 392 11.77 23.38 6.11
N GLY A 393 12.52 23.43 7.21
CA GLY A 393 12.90 24.68 7.83
C GLY A 393 14.27 25.21 7.44
N GLU A 394 15.00 24.52 6.57
CA GLU A 394 16.38 24.94 6.29
C GLU A 394 16.53 25.14 4.80
N ILE A 395 15.43 25.63 4.27
CA ILE A 395 15.18 25.74 2.89
C ILE A 395 16.05 26.85 2.25
N PRO A 396 16.12 28.06 2.86
CA PRO A 396 17.10 29.02 2.31
C PRO A 396 18.52 28.47 2.28
N LYS A 397 18.93 27.80 3.38
CA LYS A 397 20.26 27.19 3.45
C LYS A 397 20.55 26.21 2.30
N ILE A 398 19.58 25.31 2.04
CA ILE A 398 19.67 24.30 0.99
C ILE A 398 19.80 24.96 -0.39
N LEU A 399 18.98 25.98 -0.65
CA LEU A 399 19.08 26.64 -1.95
C LEU A 399 20.43 27.35 -2.11
N ASP A 400 20.95 27.90 -1.00
CA ASP A 400 22.26 28.53 -1.02
C ASP A 400 23.34 27.56 -1.44
N MET A 401 23.23 26.27 -1.09
CA MET A 401 24.20 25.26 -1.54
C MET A 401 24.01 24.81 -2.99
N VAL A 402 22.75 24.62 -3.35
CA VAL A 402 22.43 23.96 -4.57
C VAL A 402 22.54 24.91 -5.75
N ILE A 403 21.87 26.05 -5.61
CA ILE A 403 21.69 26.96 -6.74
C ILE A 403 23.02 27.44 -7.33
N PRO A 404 24.04 27.69 -6.50
CA PRO A 404 25.29 28.06 -7.15
C PRO A 404 25.83 27.00 -8.13
N LEU A 405 25.48 25.73 -7.93
CA LEU A 405 25.96 24.69 -8.85
C LEU A 405 25.19 24.59 -10.18
N ILE A 406 24.02 25.24 -10.26
CA ILE A 406 23.20 25.25 -11.49
C ILE A 406 24.07 25.64 -12.70
N ASN A 407 25.15 26.38 -12.43
CA ASN A 407 26.04 26.85 -13.50
C ASN A 407 27.41 26.16 -13.56
N ASP A 408 27.53 25.04 -12.86
CA ASP A 408 28.74 24.22 -12.88
C ASP A 408 29.28 23.99 -14.26
N PRO A 409 30.61 24.02 -14.40
CA PRO A 409 31.21 23.65 -15.67
C PRO A 409 30.71 22.30 -16.21
N HIS A 410 30.47 21.32 -15.34
CA HIS A 410 30.07 19.99 -15.83
C HIS A 410 28.52 19.83 -16.04
N PRO A 411 28.08 19.39 -17.23
CA PRO A 411 26.62 19.31 -17.46
C PRO A 411 25.88 18.32 -16.53
N ARG A 412 26.55 17.24 -16.12
CA ARG A 412 25.93 16.32 -15.19
C ARG A 412 25.74 16.93 -13.80
N VAL A 413 26.60 17.86 -13.37
CA VAL A 413 26.38 18.51 -12.08
C VAL A 413 25.17 19.42 -12.21
N GLN A 414 25.02 20.02 -13.38
CA GLN A 414 23.90 20.91 -13.64
C GLN A 414 22.60 20.13 -13.58
N TYR A 415 22.53 19.01 -14.30
CA TYR A 415 21.40 18.09 -14.29
C TYR A 415 21.10 17.71 -12.85
N GLY A 416 22.12 17.34 -12.09
CA GLY A 416 22.00 17.07 -10.66
C GLY A 416 21.31 18.18 -9.87
N CYS A 417 21.66 19.42 -10.16
CA CYS A 417 21.07 20.55 -9.46
C CYS A 417 19.59 20.75 -9.83
N CYS A 418 19.29 20.54 -11.11
CA CYS A 418 17.94 20.55 -11.62
C CYS A 418 17.13 19.53 -10.81
N ASN A 419 17.72 18.36 -10.66
CA ASN A 419 17.11 17.24 -9.98
C ASN A 419 16.71 17.62 -8.57
N VAL A 420 17.59 18.28 -7.82
CA VAL A 420 17.24 18.63 -6.45
C VAL A 420 16.13 19.63 -6.39
N LEU A 421 16.16 20.61 -7.27
CA LEU A 421 15.16 21.66 -7.20
C LEU A 421 13.79 21.08 -7.55
N GLY A 422 13.79 20.15 -8.49
CA GLY A 422 12.64 19.30 -8.77
C GLY A 422 12.20 18.47 -7.56
N GLN A 423 13.12 17.73 -6.96
CA GLN A 423 12.72 16.82 -5.92
C GLN A 423 12.13 17.55 -4.70
N ILE A 424 12.73 18.67 -4.37
CA ILE A 424 12.28 19.35 -3.20
C ILE A 424 11.03 20.15 -3.49
N SER A 425 10.79 20.55 -4.75
CA SER A 425 9.51 21.18 -5.04
C SER A 425 8.37 20.22 -4.71
N THR A 426 8.64 18.92 -4.82
CA THR A 426 7.65 17.94 -4.44
C THR A 426 7.62 17.74 -2.94
N ASP A 427 8.80 17.49 -2.39
CA ASP A 427 8.89 16.99 -1.05
C ASP A 427 8.64 18.04 0.01
N PHE A 428 8.80 19.31 -0.32
CA PHE A 428 8.52 20.38 0.67
C PHE A 428 7.24 21.17 0.30
N SER A 429 6.41 20.62 -0.58
CA SER A 429 5.20 21.32 -1.07
C SER A 429 4.13 21.31 0.01
N PRO A 430 3.25 22.33 0.03
CA PRO A 430 3.18 23.52 -0.83
C PRO A 430 3.95 24.73 -0.31
N PHE A 431 4.67 24.56 0.79
CA PHE A 431 5.42 25.65 1.43
C PHE A 431 6.55 26.18 0.60
N ILE A 432 7.24 25.31 -0.10
CA ILE A 432 8.34 25.77 -0.92
C ILE A 432 7.89 26.65 -2.13
N GLN A 433 6.74 26.31 -2.70
CA GLN A 433 6.20 27.07 -3.83
C GLN A 433 5.91 28.49 -3.37
N ARG A 434 5.37 28.62 -2.15
CA ARG A 434 5.01 29.93 -1.60
C ARG A 434 6.21 30.79 -1.28
N THR A 435 7.28 30.17 -0.84
CA THR A 435 8.38 30.92 -0.31
C THR A 435 9.64 30.95 -1.16
N ALA A 436 9.79 30.09 -2.16
CA ALA A 436 11.07 30.11 -2.88
C ALA A 436 10.90 30.22 -4.37
N HIS A 437 9.69 30.60 -4.78
CA HIS A 437 9.39 30.72 -6.20
C HIS A 437 10.32 31.69 -6.89
N ASP A 438 10.66 32.77 -6.20
CA ASP A 438 11.52 33.83 -6.71
C ASP A 438 12.96 33.36 -6.98
N ARG A 439 13.39 32.27 -6.34
CA ARG A 439 14.73 31.70 -6.55
C ARG A 439 14.68 30.48 -7.44
N ILE A 440 13.66 29.63 -7.23
CA ILE A 440 13.61 28.36 -7.95
C ILE A 440 13.28 28.57 -9.42
N LEU A 441 12.28 29.38 -9.71
CA LEU A 441 11.84 29.50 -11.09
C LEU A 441 12.91 30.08 -12.00
N PRO A 442 13.55 31.19 -11.58
CA PRO A 442 14.59 31.79 -12.40
C PRO A 442 15.72 30.83 -12.65
N ALA A 443 16.11 30.11 -11.60
CA ALA A 443 17.10 29.06 -11.70
C ALA A 443 16.73 28.06 -12.76
N LEU A 444 15.54 27.46 -12.69
CA LEU A 444 15.21 26.46 -13.69
C LEU A 444 15.06 27.08 -15.09
N ILE A 445 14.39 28.22 -15.13
CA ILE A 445 14.17 28.93 -16.39
C ILE A 445 15.48 29.17 -17.12
N SER A 446 16.52 29.56 -16.40
CA SER A 446 17.81 29.81 -17.04
C SER A 446 18.43 28.60 -17.73
N LYS A 447 18.07 27.40 -17.29
CA LYS A 447 18.65 26.22 -17.92
C LYS A 447 17.92 25.89 -19.24
N LEU A 448 16.79 26.55 -19.47
CA LEU A 448 15.96 26.11 -20.59
C LEU A 448 16.52 26.55 -21.93
N THR A 449 17.43 27.54 -21.90
CA THR A 449 17.96 28.18 -23.09
C THR A 449 18.77 27.18 -23.88
N SER A 450 18.77 27.36 -25.20
CA SER A 450 19.35 26.34 -26.09
C SER A 450 20.85 26.38 -26.07
N GLU A 451 21.39 27.39 -25.39
CA GLU A 451 22.79 27.43 -25.01
C GLU A 451 23.18 26.14 -24.29
N CYS A 452 22.37 25.68 -23.30
CA CYS A 452 22.67 24.47 -22.46
C CYS A 452 22.47 23.16 -23.20
N THR A 453 22.95 22.08 -22.62
CA THR A 453 22.84 20.76 -23.27
C THR A 453 21.43 20.16 -23.23
N SER A 454 21.07 19.33 -24.22
CA SER A 454 19.69 18.75 -24.26
C SER A 454 19.26 18.13 -22.93
N ARG A 455 20.11 17.29 -22.34
CA ARG A 455 19.81 16.66 -21.07
C ARG A 455 19.51 17.67 -19.99
N VAL A 456 20.26 18.76 -19.94
CA VAL A 456 20.01 19.76 -18.91
C VAL A 456 18.68 20.52 -19.17
N GLN A 457 18.45 20.94 -20.42
CA GLN A 457 17.20 21.65 -20.75
C GLN A 457 16.02 20.77 -20.35
N THR A 458 16.10 19.49 -20.72
CA THR A 458 15.09 18.51 -20.41
C THR A 458 14.84 18.33 -18.93
N HIS A 459 15.90 18.22 -18.15
CA HIS A 459 15.74 17.99 -16.74
C HIS A 459 15.19 19.21 -16.02
N ALA A 460 15.54 20.40 -16.48
CA ALA A 460 15.00 21.62 -15.90
C ALA A 460 13.52 21.71 -16.20
N ALA A 461 13.16 21.35 -17.43
CA ALA A 461 11.75 21.28 -17.83
C ALA A 461 10.97 20.26 -17.00
N ALA A 462 11.61 19.13 -16.71
CA ALA A 462 11.02 18.15 -15.82
C ALA A 462 10.82 18.74 -14.43
N ALA A 463 11.80 19.47 -13.91
CA ALA A 463 11.68 19.97 -12.55
C ALA A 463 10.57 21.03 -12.46
N LEU A 464 10.21 21.61 -13.59
CA LEU A 464 9.15 22.61 -13.57
C LEU A 464 7.82 21.92 -13.47
N VAL A 465 7.76 20.62 -13.81
CA VAL A 465 6.56 19.84 -13.52
C VAL A 465 6.36 19.70 -11.99
N ASN A 466 7.41 19.31 -11.28
CA ASN A 466 7.30 19.19 -9.85
C ASN A 466 6.84 20.50 -9.27
N PHE A 467 7.46 21.60 -9.65
CA PHE A 467 7.16 22.88 -9.05
C PHE A 467 5.72 23.29 -9.34
N SER A 468 5.28 23.09 -10.57
CA SER A 468 3.97 23.54 -11.00
C SER A 468 2.85 22.84 -10.28
N GLU A 469 3.09 21.56 -9.97
CA GLU A 469 2.06 20.76 -9.41
C GLU A 469 1.42 21.40 -8.19
N PHE A 470 2.22 22.11 -7.39
CA PHE A 470 1.70 22.70 -6.17
C PHE A 470 1.76 24.24 -6.06
N ALA A 471 2.02 24.89 -7.19
CA ALA A 471 2.06 26.37 -7.30
C ALA A 471 0.72 26.89 -7.76
N SER A 472 0.19 27.87 -7.03
CA SER A 472 -1.08 28.50 -7.40
C SER A 472 -0.90 29.32 -8.67
N LYS A 473 -2.02 29.58 -9.34
CA LYS A 473 -2.02 30.34 -10.58
C LYS A 473 -1.39 31.73 -10.38
N ASP A 474 -1.68 32.36 -9.23
CA ASP A 474 -1.21 33.71 -8.93
C ASP A 474 0.31 33.78 -8.83
N ILE A 475 0.93 32.76 -8.22
CA ILE A 475 2.39 32.67 -8.15
C ILE A 475 3.01 32.46 -9.54
N LEU A 476 2.39 31.65 -10.37
CA LEU A 476 2.99 31.35 -11.64
C LEU A 476 2.84 32.49 -12.63
N GLU A 477 1.79 33.29 -12.45
CA GLU A 477 1.38 34.31 -13.42
C GLU A 477 2.49 35.21 -13.99
N PRO A 478 3.27 35.89 -13.14
CA PRO A 478 4.29 36.71 -13.77
C PRO A 478 5.38 35.94 -14.51
N TYR A 479 5.42 34.62 -14.37
CA TYR A 479 6.53 33.89 -14.96
C TYR A 479 6.14 33.16 -16.24
N LEU A 480 4.84 33.16 -16.56
CA LEU A 480 4.30 32.36 -17.65
C LEU A 480 4.86 32.66 -19.03
N ASP A 481 4.87 33.93 -19.45
CA ASP A 481 5.35 34.29 -20.79
C ASP A 481 6.80 33.82 -21.02
N SER A 482 7.65 34.10 -20.03
CA SER A 482 9.01 33.63 -20.04
C SER A 482 9.11 32.10 -20.07
N LEU A 483 8.35 31.42 -19.18
CA LEU A 483 8.30 29.95 -19.17
C LEU A 483 7.87 29.47 -20.53
N LEU A 484 6.84 30.13 -21.09
CA LEU A 484 6.31 29.62 -22.35
C LEU A 484 7.22 29.88 -23.53
N THR A 485 7.75 31.09 -23.66
CA THR A 485 8.62 31.35 -24.82
C THR A 485 9.80 30.37 -24.83
N ASN A 486 10.38 30.09 -23.66
CA ASN A 486 11.44 29.08 -23.59
C ASN A 486 11.03 27.67 -23.98
N LEU A 487 9.88 27.21 -23.50
CA LEU A 487 9.43 25.85 -23.81
C LEU A 487 9.10 25.67 -25.29
N LEU A 488 8.58 26.72 -25.95
CA LEU A 488 8.41 26.67 -27.41
C LEU A 488 9.74 26.37 -28.11
N VAL A 489 10.84 26.93 -27.61
CA VAL A 489 12.14 26.65 -28.22
C VAL A 489 12.44 25.17 -28.08
N LEU A 490 12.24 24.66 -26.87
CA LEU A 490 12.45 23.23 -26.64
C LEU A 490 11.56 22.41 -27.53
N LEU A 491 10.37 22.93 -27.84
CA LEU A 491 9.47 22.25 -28.71
C LEU A 491 10.09 22.09 -30.11
N GLN A 492 11.00 22.98 -30.47
CA GLN A 492 11.60 22.92 -31.80
C GLN A 492 12.88 22.08 -31.90
N SER A 493 13.10 21.22 -30.91
CA SER A 493 14.29 20.38 -30.86
C SER A 493 14.35 19.30 -31.93
N ASN A 494 15.53 18.74 -32.14
CA ASN A 494 15.71 17.63 -33.10
C ASN A 494 15.48 16.33 -32.38
N LYS A 495 15.55 16.40 -31.06
CA LYS A 495 15.58 15.21 -30.23
C LYS A 495 14.21 14.92 -29.69
N LEU A 496 13.75 13.69 -29.89
CA LEU A 496 12.37 13.35 -29.63
C LEU A 496 12.01 13.57 -28.16
N TYR A 497 12.92 13.16 -27.28
CA TYR A 497 12.74 13.33 -25.86
C TYR A 497 12.68 14.77 -25.36
N VAL A 498 13.21 15.73 -26.11
CA VAL A 498 13.17 17.13 -25.66
C VAL A 498 11.79 17.69 -26.00
N GLN A 499 11.29 17.28 -27.15
CA GLN A 499 9.96 17.72 -27.57
C GLN A 499 8.90 17.18 -26.63
N GLU A 500 9.02 15.88 -26.34
CA GLU A 500 8.15 15.17 -25.42
C GLU A 500 8.12 15.82 -24.06
N GLN A 501 9.28 16.20 -23.55
CA GLN A 501 9.34 16.86 -22.27
C GLN A 501 8.73 18.25 -22.36
N ALA A 502 9.01 18.94 -23.45
CA ALA A 502 8.50 20.29 -23.60
C ALA A 502 7.00 20.30 -23.49
N LEU A 503 6.37 19.38 -24.21
CA LEU A 503 4.92 19.23 -24.26
C LEU A 503 4.30 18.99 -22.89
N THR A 504 4.93 18.11 -22.12
CA THR A 504 4.38 17.72 -20.85
C THR A 504 4.53 18.85 -19.86
N THR A 505 5.63 19.61 -19.99
CA THR A 505 5.89 20.66 -19.03
C THR A 505 4.89 21.77 -19.25
N ILE A 506 4.62 22.06 -20.53
CA ILE A 506 3.62 23.08 -20.87
C ILE A 506 2.24 22.68 -20.33
N ALA A 507 1.84 21.44 -20.60
CA ALA A 507 0.59 20.85 -20.13
C ALA A 507 0.36 21.05 -18.64
N PHE A 508 1.41 20.81 -17.86
CA PHE A 508 1.26 20.85 -16.42
C PHE A 508 1.29 22.26 -15.90
N ILE A 509 2.07 23.12 -16.56
CA ILE A 509 2.05 24.54 -16.25
C ILE A 509 0.67 25.12 -16.58
N ALA A 510 0.13 24.72 -17.72
CA ALA A 510 -1.23 25.16 -18.07
C ALA A 510 -2.27 24.68 -17.05
N GLU A 511 -2.18 23.42 -16.65
CA GLU A 511 -3.06 22.89 -15.60
C GLU A 511 -3.03 23.78 -14.35
N ALA A 512 -1.82 24.18 -13.92
CA ALA A 512 -1.69 25.00 -12.70
C ALA A 512 -2.17 26.39 -12.94
N ALA A 513 -1.91 26.91 -14.13
CA ALA A 513 -2.27 28.29 -14.46
C ALA A 513 -3.79 28.53 -14.56
N LYS A 514 -4.55 27.50 -14.94
CA LYS A 514 -5.99 27.59 -15.08
C LYS A 514 -6.38 28.75 -16.00
N ASN A 515 -7.32 29.58 -15.55
CA ASN A 515 -7.80 30.70 -16.35
C ASN A 515 -6.71 31.71 -16.73
N LYS A 516 -5.60 31.75 -15.97
CA LYS A 516 -4.48 32.62 -16.30
C LYS A 516 -3.79 32.21 -17.57
N PHE A 517 -4.17 31.08 -18.12
CA PHE A 517 -3.53 30.59 -19.32
C PHE A 517 -4.34 31.01 -20.52
N ILE A 518 -5.47 31.71 -20.32
CA ILE A 518 -6.36 31.96 -21.46
C ILE A 518 -5.67 32.76 -22.57
N LYS A 519 -4.87 33.72 -22.18
CA LYS A 519 -4.14 34.52 -23.13
C LYS A 519 -3.02 33.78 -23.93
N TYR A 520 -2.68 32.56 -23.56
CA TYR A 520 -1.63 31.82 -24.25
C TYR A 520 -2.21 30.78 -25.17
N TYR A 521 -3.53 30.72 -25.17
CA TYR A 521 -4.21 29.59 -25.82
C TYR A 521 -4.01 29.73 -27.32
N ASP A 522 -4.15 30.96 -27.81
CA ASP A 522 -4.05 31.24 -29.23
C ASP A 522 -2.65 31.01 -29.74
N THR A 523 -1.60 31.16 -28.93
CA THR A 523 -0.27 30.88 -29.49
C THR A 523 0.04 29.39 -29.50
N LEU A 524 -0.33 28.71 -28.41
CA LEU A 524 -0.09 27.29 -28.23
C LEU A 524 -0.89 26.38 -29.14
N MET A 525 -2.19 26.57 -29.17
CA MET A 525 -3.08 25.60 -29.76
C MET A 525 -2.77 25.24 -31.24
N PRO A 526 -2.38 26.23 -32.08
CA PRO A 526 -2.11 25.94 -33.51
C PRO A 526 -0.80 25.21 -33.69
N LEU A 527 0.17 25.49 -32.84
CA LEU A 527 1.44 24.78 -32.89
C LEU A 527 1.19 23.33 -32.63
N LEU A 528 0.25 23.09 -31.69
CA LEU A 528 -0.16 21.75 -31.28
C LEU A 528 -0.96 21.05 -32.38
N LEU A 529 -1.89 21.77 -33.01
CA LEU A 529 -2.67 21.19 -34.10
C LEU A 529 -1.78 20.77 -35.28
N ASN A 530 -0.82 21.63 -35.64
CA ASN A 530 0.19 21.29 -36.66
C ASN A 530 0.98 20.02 -36.38
N VAL A 531 1.44 19.86 -35.14
CA VAL A 531 2.07 18.61 -34.74
C VAL A 531 1.15 17.43 -34.99
N LEU A 532 -0.12 17.55 -34.61
CA LEU A 532 -1.09 16.45 -34.71
C LEU A 532 -1.44 16.05 -36.16
N LYS A 533 -1.46 17.01 -37.07
CA LYS A 533 -1.87 16.75 -38.47
C LYS A 533 -0.79 16.19 -39.41
N VAL A 534 0.48 16.28 -38.98
CA VAL A 534 1.68 15.83 -39.73
C VAL A 534 1.49 14.66 -40.70
N ASN A 539 6.12 8.38 -34.48
CA ASN A 539 5.92 9.66 -33.79
C ASN A 539 4.74 9.60 -32.80
N SER A 540 4.52 8.42 -32.20
CA SER A 540 3.30 8.10 -31.43
C SER A 540 3.18 8.85 -30.11
N VAL A 541 4.25 8.78 -29.33
CA VAL A 541 4.31 9.39 -28.01
C VAL A 541 4.22 10.91 -28.14
N LEU A 542 4.74 11.43 -29.27
CA LEU A 542 4.68 12.85 -29.58
C LEU A 542 3.23 13.28 -29.69
N LYS A 543 2.52 12.59 -30.56
CA LYS A 543 1.09 12.86 -30.78
C LYS A 543 0.29 12.72 -29.49
N GLY A 544 0.58 11.69 -28.70
CA GLY A 544 -0.12 11.48 -27.46
C GLY A 544 0.11 12.57 -26.47
N LYS A 545 1.38 12.97 -26.32
CA LYS A 545 1.76 14.00 -25.35
C LYS A 545 1.21 15.33 -25.81
N CYS A 546 1.11 15.43 -27.12
CA CYS A 546 0.49 16.57 -27.73
C CYS A 546 -1.04 16.68 -27.51
N MET A 547 -1.77 15.58 -27.64
CA MET A 547 -3.20 15.54 -27.41
C MET A 547 -3.43 15.77 -25.93
N GLU A 548 -2.57 15.20 -25.10
CA GLU A 548 -2.62 15.42 -23.66
C GLU A 548 -2.47 16.92 -23.36
N CYS A 549 -1.50 17.55 -24.00
CA CYS A 549 -1.25 18.95 -23.75
C CYS A 549 -2.47 19.77 -24.19
N ALA A 550 -3.01 19.46 -25.36
CA ALA A 550 -4.20 20.15 -25.85
C ALA A 550 -5.42 20.08 -24.91
N THR A 551 -5.71 18.86 -24.40
CA THR A 551 -6.87 18.71 -23.59
C THR A 551 -6.67 19.27 -22.18
N LEU A 552 -5.48 19.14 -21.61
CA LEU A 552 -5.19 19.86 -20.35
C LEU A 552 -5.22 21.39 -20.49
N ILE A 553 -4.70 21.96 -21.58
CA ILE A 553 -4.93 23.37 -21.85
C ILE A 553 -6.43 23.65 -21.91
N GLY A 554 -7.18 22.80 -22.63
CA GLY A 554 -8.65 22.90 -22.70
C GLY A 554 -9.35 23.01 -21.33
N PHE A 555 -8.93 22.15 -20.40
CA PHE A 555 -9.55 22.14 -19.10
C PHE A 555 -9.17 23.38 -18.33
N ALA A 556 -7.93 23.85 -18.54
CA ALA A 556 -7.47 25.11 -17.93
C ALA A 556 -8.27 26.35 -18.36
N VAL A 557 -8.48 26.50 -19.67
CA VAL A 557 -9.14 27.71 -20.19
C VAL A 557 -10.67 27.67 -20.17
N GLY A 558 -11.25 26.50 -19.97
CA GLY A 558 -12.70 26.36 -19.92
C GLY A 558 -13.27 26.06 -21.28
N LYS A 559 -14.53 25.62 -21.27
CA LYS A 559 -15.24 25.10 -22.44
C LYS A 559 -15.41 26.14 -23.52
N GLU A 560 -15.79 27.35 -23.13
CA GLU A 560 -16.07 28.41 -24.11
C GLU A 560 -14.86 28.70 -24.97
N LYS A 561 -13.70 28.91 -24.34
CA LYS A 561 -12.47 29.05 -25.11
C LYS A 561 -12.07 27.74 -25.85
N PHE A 562 -12.24 26.60 -25.19
CA PHE A 562 -11.87 25.32 -25.78
C PHE A 562 -12.69 25.08 -27.04
N HIS A 563 -13.89 25.64 -27.08
CA HIS A 563 -14.76 25.49 -28.26
C HIS A 563 -14.18 26.02 -29.58
N GLU A 564 -13.15 26.88 -29.53
CA GLU A 564 -12.54 27.31 -30.79
C GLU A 564 -11.85 26.21 -31.57
N HIS A 565 -11.47 25.10 -30.92
CA HIS A 565 -10.83 24.01 -31.66
C HIS A 565 -11.37 22.64 -31.32
N SER A 566 -12.43 22.58 -30.55
CA SER A 566 -12.94 21.30 -30.13
C SER A 566 -13.30 20.35 -31.26
N GLN A 567 -14.04 20.82 -32.25
CA GLN A 567 -14.43 19.91 -33.37
C GLN A 567 -13.25 19.32 -34.12
N GLU A 568 -12.26 20.16 -34.41
CA GLU A 568 -11.06 19.74 -35.11
C GLU A 568 -10.27 18.76 -34.26
N LEU A 569 -10.08 19.14 -33.00
CA LEU A 569 -9.44 18.27 -32.05
C LEU A 569 -10.16 16.93 -32.02
N ILE A 570 -11.48 16.96 -31.90
CA ILE A 570 -12.24 15.72 -31.84
C ILE A 570 -12.02 14.86 -33.05
N SER A 571 -11.97 15.48 -34.21
CA SER A 571 -11.83 14.71 -35.46
C SER A 571 -10.48 14.05 -35.55
N ILE A 572 -9.46 14.68 -34.95
CA ILE A 572 -8.11 14.15 -34.96
C ILE A 572 -8.03 12.95 -34.04
N LEU A 573 -8.63 13.08 -32.86
CA LEU A 573 -8.73 11.98 -31.92
C LEU A 573 -9.31 10.76 -32.59
N VAL A 574 -10.46 10.94 -33.23
CA VAL A 574 -11.13 9.88 -33.92
C VAL A 574 -10.16 9.20 -34.87
N ALA A 575 -9.46 10.00 -35.68
CA ALA A 575 -8.55 9.44 -36.68
C ALA A 575 -7.48 8.67 -35.98
N LEU A 576 -7.05 9.17 -34.84
CA LEU A 576 -5.93 8.58 -34.12
C LEU A 576 -6.33 7.23 -33.51
N GLN A 577 -7.54 7.16 -32.97
CA GLN A 577 -8.00 6.02 -32.21
C GLN A 577 -8.30 4.83 -33.09
N ASN A 578 -8.82 5.10 -34.27
CA ASN A 578 -9.30 4.05 -35.13
C ASN A 578 -8.30 3.73 -36.23
N SER A 579 -7.02 4.05 -36.01
CA SER A 579 -6.01 3.91 -37.07
C SER A 579 -5.22 2.59 -37.03
N ASP A 585 0.58 1.45 -28.66
CA ASP A 585 -0.14 1.05 -27.47
C ASP A 585 0.07 2.02 -26.30
N ALA A 586 1.18 2.76 -26.32
CA ALA A 586 1.35 3.88 -25.37
C ALA A 586 0.37 5.01 -25.74
N LEU A 587 0.14 5.15 -27.04
CA LEU A 587 -0.81 6.10 -27.57
C LEU A 587 -2.23 5.85 -27.05
N ARG A 588 -2.68 4.59 -27.05
CA ARG A 588 -4.01 4.22 -26.56
C ARG A 588 -4.33 4.90 -25.23
N SER A 589 -3.34 4.93 -24.33
CA SER A 589 -3.58 5.50 -23.01
C SER A 589 -3.66 7.02 -22.97
N TYR A 590 -2.87 7.67 -23.82
CA TYR A 590 -3.04 9.13 -23.99
C TYR A 590 -4.40 9.47 -24.61
N LEU A 591 -4.82 8.65 -25.57
CA LEU A 591 -6.11 8.87 -26.23
C LEU A 591 -7.27 8.78 -25.27
N GLU A 592 -7.29 7.74 -24.44
CA GLU A 592 -8.38 7.48 -23.51
C GLU A 592 -8.50 8.55 -22.47
N GLN A 593 -7.36 9.02 -21.96
CA GLN A 593 -7.38 10.06 -20.95
C GLN A 593 -7.81 11.40 -21.56
N SER A 594 -7.46 11.60 -22.84
CA SER A 594 -7.82 12.82 -23.50
C SER A 594 -9.29 12.93 -23.73
N TRP A 595 -9.88 11.86 -24.24
CA TRP A 595 -11.36 11.78 -24.34
C TRP A 595 -11.95 12.02 -22.98
N SER A 596 -11.39 11.41 -21.95
CA SER A 596 -11.94 11.57 -20.63
C SER A 596 -11.91 13.01 -20.19
N ARG A 597 -10.83 13.72 -20.54
CA ARG A 597 -10.69 15.15 -20.15
C ARG A 597 -11.65 16.05 -20.95
N ILE A 598 -11.88 15.70 -22.20
CA ILE A 598 -12.89 16.38 -23.00
C ILE A 598 -14.29 16.19 -22.41
N CYS A 599 -14.60 14.99 -21.91
CA CYS A 599 -15.87 14.83 -21.23
C CYS A 599 -16.00 15.77 -20.05
N ARG A 600 -14.92 15.97 -19.28
CA ARG A 600 -14.99 16.93 -18.16
C ARG A 600 -15.16 18.36 -18.62
N ILE A 601 -14.67 18.68 -19.82
CA ILE A 601 -14.76 20.05 -20.35
C ILE A 601 -16.16 20.25 -20.87
N LEU A 602 -16.59 19.36 -21.76
CA LEU A 602 -17.84 19.48 -22.51
C LEU A 602 -19.13 19.29 -21.71
N GLY A 603 -19.06 18.69 -20.52
CA GLY A 603 -20.26 18.39 -19.75
C GLY A 603 -21.21 17.51 -20.56
N ASP A 604 -22.52 17.80 -20.50
CA ASP A 604 -23.51 16.97 -21.17
C ASP A 604 -23.39 16.95 -22.68
N ASP A 605 -22.58 17.85 -23.23
CA ASP A 605 -22.42 17.92 -24.69
C ASP A 605 -21.50 16.82 -25.19
N PHE A 606 -20.91 16.05 -24.28
CA PHE A 606 -20.13 14.87 -24.63
C PHE A 606 -21.03 13.69 -25.05
N VAL A 607 -22.30 13.71 -24.64
CA VAL A 607 -23.20 12.58 -24.88
C VAL A 607 -23.06 11.97 -26.29
N PRO A 608 -23.02 12.81 -27.34
CA PRO A 608 -23.00 12.17 -28.66
C PRO A 608 -21.71 11.40 -29.01
N LEU A 609 -20.67 11.55 -28.16
CA LEU A 609 -19.41 10.89 -28.38
C LEU A 609 -19.34 9.50 -27.68
N LEU A 610 -20.31 9.18 -26.82
CA LEU A 610 -20.29 7.89 -26.13
C LEU A 610 -20.08 6.65 -27.06
N PRO A 611 -20.78 6.59 -28.20
CA PRO A 611 -20.55 5.47 -29.14
C PRO A 611 -19.11 5.32 -29.66
N ILE A 612 -18.32 6.37 -29.60
CA ILE A 612 -16.95 6.32 -30.05
C ILE A 612 -16.06 5.83 -28.91
N VAL A 613 -16.37 6.30 -27.70
CA VAL A 613 -15.43 6.25 -26.59
C VAL A 613 -15.60 5.03 -25.70
N ILE A 614 -16.84 4.68 -25.47
CA ILE A 614 -17.18 3.56 -24.60
C ILE A 614 -16.80 2.15 -25.10
N PRO A 615 -17.13 1.79 -26.34
CA PRO A 615 -16.83 0.41 -26.76
C PRO A 615 -15.43 -0.10 -26.49
N PRO A 616 -14.40 0.68 -26.81
CA PRO A 616 -13.06 0.15 -26.53
C PRO A 616 -12.85 -0.15 -25.07
N LEU A 617 -13.41 0.69 -24.21
CA LEU A 617 -13.27 0.47 -22.79
C LEU A 617 -14.07 -0.78 -22.37
N LEU A 618 -15.25 -0.98 -22.95
CA LEU A 618 -15.99 -2.20 -22.67
C LEU A 618 -15.19 -3.48 -22.95
N ILE A 619 -14.46 -3.49 -24.07
CA ILE A 619 -13.66 -4.67 -24.41
C ILE A 619 -12.61 -4.94 -23.34
N THR A 620 -11.75 -3.97 -23.10
CA THR A 620 -10.68 -4.11 -22.09
C THR A 620 -11.23 -4.45 -20.70
N ALA A 621 -12.36 -3.86 -20.31
CA ALA A 621 -12.89 -4.08 -18.95
C ALA A 621 -13.58 -5.43 -18.78
N LYS A 622 -13.76 -6.14 -19.90
CA LYS A 622 -14.26 -7.52 -19.87
C LYS A 622 -13.15 -8.61 -19.82
N ALA A 623 -11.88 -8.18 -19.88
CA ALA A 623 -10.71 -9.05 -19.69
C ALA A 623 -10.96 -10.13 -18.63
N THR A 624 -10.57 -11.35 -18.95
CA THR A 624 -10.80 -12.45 -18.01
C THR A 624 -9.55 -12.72 -17.18
N GLN A 625 -9.75 -13.42 -16.05
CA GLN A 625 -8.63 -13.81 -15.19
C GLN A 625 -7.85 -14.82 -15.99
N ASP A 626 -6.75 -14.35 -16.58
CA ASP A 626 -5.98 -15.17 -17.48
C ASP A 626 -4.96 -15.90 -16.66
N VAL A 627 -5.31 -17.15 -16.33
CA VAL A 627 -4.55 -18.02 -15.46
C VAL A 627 -4.04 -19.27 -16.20
N GLY A 628 -2.79 -19.64 -15.91
CA GLY A 628 -2.20 -20.88 -16.41
C GLY A 628 -1.76 -21.78 -15.27
N LEU A 629 -2.44 -22.92 -15.12
CA LEU A 629 -2.05 -23.87 -14.08
C LEU A 629 -0.73 -24.54 -14.50
N ILE A 630 0.29 -24.29 -13.68
CA ILE A 630 1.71 -24.32 -14.06
C ILE A 630 2.55 -25.26 -13.16
N GLU A 631 3.78 -25.59 -13.57
CA GLU A 631 4.64 -26.46 -12.76
C GLU A 631 5.85 -25.76 -12.14
N GLU A 632 6.25 -26.22 -10.96
CA GLU A 632 7.34 -25.67 -10.16
C GLU A 632 8.50 -25.09 -10.97
N GLU A 633 9.13 -25.94 -11.77
CA GLU A 633 10.29 -25.57 -12.61
C GLU A 633 9.94 -24.39 -13.53
N GLU A 634 8.81 -24.53 -14.22
CA GLU A 634 8.39 -23.64 -15.31
C GLU A 634 8.02 -22.24 -14.84
N ALA A 635 8.22 -21.97 -13.54
CA ALA A 635 7.86 -20.67 -12.88
C ALA A 635 8.69 -19.49 -12.44
N ALA A 636 9.97 -19.41 -12.71
CA ALA A 636 10.79 -18.37 -12.16
C ALA A 636 11.14 -17.59 -13.41
N ASN A 637 11.28 -18.33 -14.51
CA ASN A 637 11.47 -17.69 -15.82
C ASN A 637 10.20 -17.03 -16.37
N PHE A 638 9.03 -17.63 -16.09
CA PHE A 638 7.71 -16.96 -16.21
C PHE A 638 7.71 -15.66 -15.42
N GLN A 639 8.36 -15.68 -14.26
CA GLN A 639 8.41 -14.54 -13.35
C GLN A 639 9.27 -13.38 -13.81
N GLN A 640 10.17 -13.66 -14.77
CA GLN A 640 11.10 -12.67 -15.29
C GLN A 640 10.39 -11.48 -15.91
N TYR A 641 9.29 -11.78 -16.58
CA TYR A 641 8.44 -10.77 -17.24
C TYR A 641 7.77 -9.90 -16.20
N PRO A 642 7.90 -8.56 -16.36
CA PRO A 642 7.23 -7.66 -15.44
C PRO A 642 5.71 -7.85 -15.52
N ASP A 643 5.25 -8.27 -16.70
CA ASP A 643 3.82 -8.46 -16.97
C ASP A 643 3.21 -9.76 -16.47
N TRP A 644 4.00 -10.60 -15.82
CA TRP A 644 3.49 -11.82 -15.23
C TRP A 644 3.99 -12.01 -13.83
N ASP A 645 3.18 -12.68 -13.03
CA ASP A 645 3.57 -13.10 -11.68
C ASP A 645 3.07 -14.54 -11.45
N VAL A 646 3.76 -15.28 -10.59
CA VAL A 646 3.30 -16.62 -10.18
C VAL A 646 3.22 -16.68 -8.66
N VAL A 647 2.17 -17.33 -8.16
CA VAL A 647 1.97 -17.50 -6.72
C VAL A 647 1.62 -18.97 -6.43
N GLN A 648 1.65 -19.37 -5.16
CA GLN A 648 1.06 -20.65 -4.76
C GLN A 648 -0.24 -20.44 -3.94
N VAL A 649 -1.37 -20.90 -4.46
CA VAL A 649 -2.66 -20.46 -3.92
C VAL A 649 -3.30 -21.40 -2.91
N GLN A 650 -3.35 -22.70 -3.25
CA GLN A 650 -4.04 -23.71 -2.44
C GLN A 650 -3.32 -25.04 -2.55
N GLY A 651 -2.06 -24.99 -2.98
CA GLY A 651 -1.26 -26.18 -3.23
C GLY A 651 -0.61 -26.13 -4.60
N LYS A 652 -1.35 -25.66 -5.60
CA LYS A 652 -0.86 -25.56 -6.99
C LYS A 652 0.04 -24.32 -7.24
N HIS A 653 0.75 -24.33 -8.38
CA HIS A 653 1.36 -23.12 -8.96
C HIS A 653 0.51 -22.48 -10.05
N ILE A 654 0.30 -21.17 -9.96
CA ILE A 654 -0.51 -20.48 -10.95
C ILE A 654 0.19 -19.30 -11.59
N ALA A 655 0.23 -19.28 -12.93
CA ALA A 655 0.69 -18.10 -13.68
C ALA A 655 -0.46 -17.16 -14.07
N ILE A 656 -0.40 -15.93 -13.58
CA ILE A 656 -1.44 -14.93 -13.88
C ILE A 656 -0.88 -13.76 -14.67
N HIS A 657 -1.58 -13.41 -15.75
CA HIS A 657 -1.19 -12.30 -16.60
C HIS A 657 -1.57 -10.97 -15.92
N THR A 658 -0.63 -10.41 -15.14
CA THR A 658 -0.92 -9.23 -14.29
C THR A 658 -1.25 -7.94 -15.06
N SER A 659 -0.41 -7.60 -16.05
CA SER A 659 -0.66 -6.42 -16.89
C SER A 659 -2.12 -6.33 -17.37
N VAL A 660 -2.61 -7.43 -17.95
CA VAL A 660 -3.98 -7.50 -18.49
C VAL A 660 -5.01 -7.11 -17.42
N LEU A 661 -4.75 -7.50 -16.18
CA LEU A 661 -5.69 -7.21 -15.11
C LEU A 661 -5.55 -5.80 -14.60
N ASP A 662 -4.32 -5.27 -14.66
CA ASP A 662 -4.11 -3.83 -14.39
C ASP A 662 -4.91 -3.02 -15.40
N ASP A 663 -4.86 -3.44 -16.66
CA ASP A 663 -5.56 -2.72 -17.72
C ASP A 663 -7.06 -2.79 -17.57
N LYS A 664 -7.56 -3.96 -17.19
CA LYS A 664 -8.97 -4.10 -16.82
C LYS A 664 -9.35 -3.04 -15.78
N VAL A 665 -8.58 -2.92 -14.70
CA VAL A 665 -8.82 -1.87 -13.69
C VAL A 665 -8.89 -0.49 -14.34
N SER A 666 -7.84 -0.09 -15.04
CA SER A 666 -7.80 1.22 -15.66
C SER A 666 -9.07 1.48 -16.44
N ALA A 667 -9.50 0.50 -17.21
CA ALA A 667 -10.72 0.68 -18.00
C ALA A 667 -11.94 0.85 -17.10
N MET A 668 -11.98 0.09 -15.99
CA MET A 668 -13.08 0.17 -15.05
C MET A 668 -13.17 1.52 -14.40
N GLU A 669 -11.99 2.07 -14.07
CA GLU A 669 -11.91 3.43 -13.53
C GLU A 669 -12.43 4.48 -14.48
N LEU A 670 -12.13 4.35 -15.78
CA LEU A 670 -12.66 5.33 -16.73
C LEU A 670 -14.17 5.23 -16.91
N LEU A 671 -14.66 3.99 -17.01
CA LEU A 671 -16.11 3.81 -17.12
C LEU A 671 -16.80 4.38 -15.87
N GLN A 672 -16.17 4.17 -14.70
CA GLN A 672 -16.69 4.71 -13.47
C GLN A 672 -16.73 6.19 -13.49
N SER A 673 -15.73 6.82 -14.11
CA SER A 673 -15.66 8.28 -14.05
C SER A 673 -16.62 8.89 -15.09
N TYR A 674 -16.80 8.24 -16.25
CA TYR A 674 -17.88 8.64 -17.18
C TYR A 674 -19.25 8.55 -16.55
N ALA A 675 -19.48 7.44 -15.83
CA ALA A 675 -20.74 7.22 -15.18
C ALA A 675 -20.99 8.31 -14.15
N THR A 676 -19.97 8.63 -13.37
CA THR A 676 -20.05 9.64 -12.34
C THR A 676 -20.40 11.01 -12.85
N LEU A 677 -19.79 11.43 -13.96
CA LEU A 677 -20.01 12.77 -14.51
C LEU A 677 -21.32 12.84 -15.28
N LEU A 678 -21.60 11.82 -16.07
CA LEU A 678 -22.77 11.86 -16.93
C LEU A 678 -24.10 11.44 -16.25
N ARG A 679 -24.03 10.88 -15.05
CA ARG A 679 -25.21 10.47 -14.26
C ARG A 679 -26.27 9.73 -15.09
N GLY A 680 -27.47 10.30 -15.16
CA GLY A 680 -28.58 9.67 -15.87
C GLY A 680 -28.25 9.30 -17.32
N GLN A 681 -27.42 10.13 -17.96
CA GLN A 681 -27.03 9.95 -19.36
C GLN A 681 -26.20 8.70 -19.60
N PHE A 682 -25.72 8.06 -18.53
CA PHE A 682 -24.92 6.84 -18.69
C PHE A 682 -25.77 5.58 -18.54
N ALA A 683 -27.02 5.78 -18.13
CA ALA A 683 -27.94 4.70 -17.78
C ALA A 683 -27.98 3.59 -18.84
N VAL A 684 -28.06 3.99 -20.11
CA VAL A 684 -27.99 3.00 -21.18
C VAL A 684 -26.90 1.93 -21.06
N TYR A 685 -25.84 2.17 -20.29
CA TYR A 685 -24.77 1.17 -20.15
C TYR A 685 -24.82 0.38 -18.87
N VAL A 686 -25.59 0.88 -17.91
CA VAL A 686 -25.59 0.30 -16.57
C VAL A 686 -25.78 -1.24 -16.49
N LYS A 687 -26.82 -1.79 -17.15
CA LYS A 687 -27.12 -3.22 -17.04
C LYS A 687 -25.91 -3.99 -17.49
N GLU A 688 -25.40 -3.62 -18.66
CA GLU A 688 -24.27 -4.30 -19.23
C GLU A 688 -23.03 -4.21 -18.36
N VAL A 689 -22.71 -3.01 -17.87
CA VAL A 689 -21.49 -2.87 -17.09
C VAL A 689 -21.62 -3.61 -15.76
N MET A 690 -22.83 -3.58 -15.20
CA MET A 690 -23.09 -4.27 -13.94
C MET A 690 -22.91 -5.79 -14.06
N GLU A 691 -23.53 -6.39 -15.08
CA GLU A 691 -23.56 -7.84 -15.22
C GLU A 691 -22.31 -8.37 -15.86
N GLU A 692 -21.76 -7.63 -16.81
CA GLU A 692 -20.56 -8.12 -17.51
C GLU A 692 -19.24 -7.64 -16.94
N ILE A 693 -19.27 -6.61 -16.10
CA ILE A 693 -18.01 -6.07 -15.57
C ILE A 693 -17.94 -5.94 -14.06
N ALA A 694 -18.79 -5.11 -13.48
CA ALA A 694 -18.72 -4.88 -12.03
C ALA A 694 -18.78 -6.20 -11.21
N LEU A 695 -19.90 -6.91 -11.34
CA LEU A 695 -20.14 -8.15 -10.62
C LEU A 695 -19.13 -9.28 -10.87
N PRO A 696 -18.90 -9.68 -12.12
CA PRO A 696 -17.88 -10.71 -12.32
C PRO A 696 -16.54 -10.36 -11.75
N SER A 697 -16.26 -9.07 -11.59
CA SER A 697 -14.97 -8.63 -11.08
C SER A 697 -14.73 -8.97 -9.60
N LEU A 698 -15.80 -9.12 -8.82
CA LEU A 698 -15.68 -9.54 -7.42
C LEU A 698 -15.06 -10.94 -7.30
N ASP A 699 -15.29 -11.77 -8.32
CA ASP A 699 -14.79 -13.14 -8.35
C ASP A 699 -13.38 -13.26 -8.89
N PHE A 700 -12.66 -12.14 -8.95
CA PHE A 700 -11.26 -12.13 -9.40
C PHE A 700 -10.30 -12.29 -8.20
N TYR A 701 -10.22 -13.50 -7.68
CA TYR A 701 -9.47 -13.82 -6.45
C TYR A 701 -7.95 -13.60 -6.56
N LEU A 702 -7.44 -13.56 -7.79
CA LEU A 702 -6.01 -13.36 -8.04
C LEU A 702 -5.49 -11.91 -8.19
N HIS A 703 -6.38 -10.93 -8.06
CA HIS A 703 -6.00 -9.52 -8.24
C HIS A 703 -6.96 -8.63 -7.47
N ASP A 704 -6.49 -8.00 -6.41
CA ASP A 704 -7.44 -7.31 -5.55
C ASP A 704 -7.96 -5.99 -6.08
N GLY A 705 -7.16 -5.37 -6.93
CA GLY A 705 -7.55 -4.14 -7.59
C GLY A 705 -8.84 -4.37 -8.36
N VAL A 706 -8.89 -5.43 -9.14
CA VAL A 706 -10.09 -5.71 -9.87
C VAL A 706 -11.29 -5.80 -8.97
N ARG A 707 -11.13 -6.55 -7.86
CA ARG A 707 -12.23 -6.78 -6.92
C ARG A 707 -12.72 -5.47 -6.34
N ALA A 708 -11.78 -4.63 -5.94
CA ALA A 708 -12.14 -3.35 -5.40
C ALA A 708 -12.80 -2.48 -6.47
N ALA A 709 -12.28 -2.53 -7.69
CA ALA A 709 -12.78 -1.63 -8.70
C ALA A 709 -14.19 -2.05 -9.06
N GLY A 710 -14.44 -3.35 -9.11
CA GLY A 710 -15.80 -3.88 -9.21
C GLY A 710 -16.72 -3.33 -8.11
N ALA A 711 -16.28 -3.36 -6.87
CA ALA A 711 -17.09 -2.88 -5.80
C ALA A 711 -17.46 -1.41 -5.91
N THR A 712 -16.49 -0.54 -6.20
CA THR A 712 -16.77 0.91 -6.23
C THR A 712 -17.68 1.28 -7.39
N LEU A 713 -17.59 0.51 -8.48
CA LEU A 713 -18.44 0.75 -9.63
C LEU A 713 -19.96 0.59 -9.26
N ILE A 714 -20.29 -0.38 -8.38
CA ILE A 714 -21.67 -0.74 -8.06
C ILE A 714 -22.59 0.45 -7.74
N PRO A 715 -22.35 1.17 -6.64
CA PRO A 715 -23.37 2.16 -6.26
C PRO A 715 -23.48 3.26 -7.30
N ILE A 716 -22.38 3.53 -8.03
CA ILE A 716 -22.37 4.58 -9.05
C ILE A 716 -23.20 4.17 -10.27
N LEU A 717 -23.05 2.93 -10.73
CA LEU A 717 -23.96 2.40 -11.73
C LEU A 717 -25.45 2.48 -11.29
N LEU A 718 -25.80 1.91 -10.12
CA LEU A 718 -27.18 2.06 -9.60
C LEU A 718 -27.66 3.51 -9.64
N SER A 719 -26.89 4.40 -9.04
CA SER A 719 -27.29 5.80 -9.02
C SER A 719 -27.52 6.41 -10.43
N CYS A 720 -26.85 5.90 -11.46
CA CYS A 720 -27.10 6.39 -12.81
C CYS A 720 -28.45 5.94 -13.32
N LEU A 721 -28.76 4.68 -13.08
CA LEU A 721 -30.03 4.11 -13.54
C LEU A 721 -31.17 4.80 -12.79
N LEU A 722 -31.09 4.87 -11.46
CA LEU A 722 -32.03 5.63 -10.64
C LEU A 722 -32.36 6.99 -11.27
N ALA A 723 -31.36 7.82 -11.58
CA ALA A 723 -31.60 9.18 -12.13
C ALA A 723 -32.32 9.19 -13.48
N ALA A 724 -32.09 8.15 -14.27
CA ALA A 724 -32.83 8.00 -15.52
C ALA A 724 -34.18 7.27 -15.23
N GLU A 730 -37.43 -0.81 -11.56
CA GLU A 730 -37.62 -2.27 -11.44
C GLU A 730 -36.34 -3.06 -11.75
N GLU A 731 -35.83 -2.92 -12.98
CA GLU A 731 -34.48 -3.40 -13.26
C GLU A 731 -33.48 -2.90 -12.18
N LEU A 732 -33.59 -1.63 -11.82
CA LEU A 732 -32.83 -1.08 -10.72
C LEU A 732 -32.88 -1.98 -9.47
N VAL A 733 -34.08 -2.44 -9.12
CA VAL A 733 -34.31 -3.27 -7.94
C VAL A 733 -33.67 -4.65 -8.13
N LEU A 734 -33.84 -5.24 -9.32
CA LEU A 734 -33.15 -6.49 -9.66
C LEU A 734 -31.61 -6.38 -9.53
N LEU A 735 -31.02 -5.47 -10.30
CA LEU A 735 -29.59 -5.25 -10.26
C LEU A 735 -29.08 -4.98 -8.85
N TRP A 736 -29.80 -4.15 -8.10
CA TRP A 736 -29.38 -3.88 -6.74
C TRP A 736 -29.41 -5.14 -5.91
N HIS A 737 -30.42 -5.99 -6.12
CA HIS A 737 -30.52 -7.21 -5.35
C HIS A 737 -29.34 -8.09 -5.69
N LYS A 738 -29.03 -8.23 -6.99
CA LYS A 738 -27.90 -9.04 -7.42
C LYS A 738 -26.57 -8.51 -6.87
N ALA A 739 -26.41 -7.19 -6.95
CA ALA A 739 -25.17 -6.55 -6.57
C ALA A 739 -24.94 -6.66 -5.07
N SER A 740 -25.94 -6.25 -4.28
CA SER A 740 -25.88 -6.33 -2.82
C SER A 740 -25.56 -7.75 -2.36
N SER A 741 -26.15 -8.76 -3.03
CA SER A 741 -26.03 -10.15 -2.61
C SER A 741 -24.65 -10.71 -2.83
N LYS A 742 -24.00 -10.31 -3.93
CA LYS A 742 -22.62 -10.67 -4.18
C LYS A 742 -21.67 -9.90 -3.28
N LEU A 743 -21.99 -8.65 -2.98
CA LEU A 743 -21.22 -7.88 -2.00
C LEU A 743 -21.26 -8.58 -0.66
N ILE A 744 -22.49 -8.85 -0.16
CA ILE A 744 -22.69 -9.58 1.10
C ILE A 744 -21.93 -10.90 1.13
N GLY A 745 -22.16 -11.73 0.10
CA GLY A 745 -21.42 -12.98 -0.08
C GLY A 745 -19.92 -12.83 -0.01
N GLY A 746 -19.42 -11.70 -0.52
CA GLY A 746 -18.00 -11.40 -0.58
C GLY A 746 -17.36 -11.28 0.77
N LEU A 747 -18.13 -10.81 1.76
CA LEU A 747 -17.66 -10.54 3.11
C LEU A 747 -17.06 -11.76 3.82
N MET A 748 -17.65 -12.93 3.57
CA MET A 748 -17.34 -14.16 4.28
C MET A 748 -16.27 -14.98 3.56
N SER A 749 -15.95 -14.58 2.33
CA SER A 749 -15.01 -15.31 1.50
C SER A 749 -13.79 -14.46 1.21
N GLU A 750 -14.00 -13.16 1.05
CA GLU A 750 -12.91 -12.23 0.86
C GLU A 750 -11.88 -12.37 1.95
N PRO A 751 -10.64 -12.78 1.58
CA PRO A 751 -9.51 -12.86 2.54
C PRO A 751 -8.86 -11.52 2.97
N MET A 752 -8.79 -10.56 2.07
CA MET A 752 -7.98 -9.36 2.27
C MET A 752 -8.76 -8.28 3.01
N PRO A 753 -8.29 -7.87 4.20
CA PRO A 753 -9.02 -6.92 5.04
C PRO A 753 -9.31 -5.60 4.34
N GLU A 754 -8.35 -5.13 3.55
CA GLU A 754 -8.51 -3.89 2.79
C GLU A 754 -9.71 -3.97 1.82
N ILE A 755 -9.86 -5.10 1.14
CA ILE A 755 -10.98 -5.32 0.21
C ILE A 755 -12.32 -5.42 0.98
N THR A 756 -12.38 -6.28 2.00
CA THR A 756 -13.53 -6.37 2.89
C THR A 756 -14.11 -4.99 3.19
N GLN A 757 -13.23 -4.04 3.45
CA GLN A 757 -13.63 -2.68 3.79
C GLN A 757 -14.41 -2.04 2.64
N VAL A 758 -13.93 -2.28 1.43
CA VAL A 758 -14.48 -1.65 0.24
C VAL A 758 -15.91 -2.14 0.05
N TYR A 759 -16.13 -3.45 0.29
CA TYR A 759 -17.45 -4.06 0.16
C TYR A 759 -18.47 -3.47 1.17
N HIS A 760 -18.08 -3.34 2.44
CA HIS A 760 -18.93 -2.67 3.42
C HIS A 760 -19.25 -1.27 2.96
N ASN A 761 -18.21 -0.52 2.61
CA ASN A 761 -18.36 0.84 2.10
C ASN A 761 -19.28 0.81 0.90
N SER A 762 -19.05 -0.16 0.04
CA SER A 762 -19.85 -0.23 -1.16
C SER A 762 -21.36 -0.48 -0.82
N LEU A 763 -21.63 -1.36 0.14
CA LEU A 763 -22.99 -1.57 0.64
C LEU A 763 -23.61 -0.31 1.22
N VAL A 764 -22.88 0.35 2.10
CA VAL A 764 -23.27 1.66 2.61
C VAL A 764 -23.73 2.59 1.47
N ASN A 765 -22.92 2.68 0.40
CA ASN A 765 -23.22 3.61 -0.70
C ASN A 765 -24.37 3.14 -1.54
N GLY A 766 -24.43 1.84 -1.75
CA GLY A 766 -25.63 1.22 -2.33
C GLY A 766 -26.90 1.52 -1.53
N ILE A 767 -26.89 1.22 -0.23
CA ILE A 767 -28.02 1.54 0.64
C ILE A 767 -28.43 3.01 0.55
N LYS A 768 -27.46 3.89 0.62
CA LYS A 768 -27.71 5.33 0.47
C LYS A 768 -28.46 5.66 -0.85
N VAL A 769 -28.12 4.97 -1.92
CA VAL A 769 -28.72 5.22 -3.23
C VAL A 769 -30.12 4.69 -3.29
N MET A 770 -30.27 3.42 -2.90
CA MET A 770 -31.51 2.66 -3.01
C MET A 770 -32.60 3.01 -1.99
N GLY A 771 -32.19 3.58 -0.85
CA GLY A 771 -33.11 4.22 0.10
C GLY A 771 -33.67 3.40 1.25
N ASP A 772 -34.99 3.49 1.42
CA ASP A 772 -35.74 2.76 2.44
C ASP A 772 -36.02 1.30 2.08
N ASN A 773 -35.74 0.42 3.03
CA ASN A 773 -36.06 -1.01 2.93
C ASN A 773 -35.51 -1.71 1.70
N CYS A 774 -34.28 -1.40 1.34
CA CYS A 774 -33.67 -1.92 0.13
C CYS A 774 -33.13 -3.33 0.32
N LEU A 775 -33.24 -3.88 1.53
CA LEU A 775 -32.72 -5.23 1.80
C LEU A 775 -33.82 -6.24 2.19
N SER A 776 -33.57 -7.52 1.93
CA SER A 776 -34.52 -8.59 2.31
C SER A 776 -34.04 -9.33 3.56
N GLU A 777 -34.88 -10.21 4.11
CA GLU A 777 -34.59 -10.85 5.39
C GLU A 777 -33.39 -11.79 5.34
N ASP A 778 -33.31 -12.57 4.27
CA ASP A 778 -32.20 -13.49 4.10
C ASP A 778 -30.89 -12.73 3.95
N GLN A 779 -30.93 -11.62 3.21
CA GLN A 779 -29.78 -10.75 3.01
C GLN A 779 -29.29 -10.20 4.34
N LEU A 780 -30.22 -9.70 5.15
CA LEU A 780 -29.93 -9.20 6.50
C LEU A 780 -29.28 -10.25 7.41
N ALA A 781 -29.68 -11.50 7.23
CA ALA A 781 -29.07 -12.61 7.95
C ALA A 781 -27.68 -12.96 7.40
N ALA A 782 -27.54 -12.98 6.07
CA ALA A 782 -26.27 -13.30 5.41
C ALA A 782 -25.22 -12.18 5.61
N PHE A 783 -25.70 -10.96 5.84
CA PHE A 783 -24.84 -9.84 6.16
C PHE A 783 -24.26 -9.99 7.56
N THR A 784 -25.07 -10.53 8.46
CA THR A 784 -24.71 -10.67 9.87
C THR A 784 -23.59 -11.67 9.99
N LYS A 785 -23.68 -12.75 9.21
CA LYS A 785 -22.68 -13.80 9.25
C LYS A 785 -21.36 -13.25 8.75
N GLY A 786 -21.44 -12.54 7.61
CA GLY A 786 -20.31 -11.78 7.03
C GLY A 786 -19.69 -10.83 8.03
N VAL A 787 -20.54 -10.01 8.68
CA VAL A 787 -20.05 -9.06 9.69
C VAL A 787 -19.32 -9.81 10.79
N SER A 788 -19.85 -10.97 11.16
CA SER A 788 -19.29 -11.72 12.27
C SER A 788 -17.96 -12.36 11.91
N ALA A 789 -17.91 -13.02 10.75
CA ALA A 789 -16.65 -13.57 10.28
C ALA A 789 -15.57 -12.51 10.11
N ASN A 790 -15.98 -11.30 9.68
CA ASN A 790 -15.06 -10.15 9.59
C ASN A 790 -14.52 -9.72 10.96
N LEU A 791 -15.41 -9.67 11.94
CA LEU A 791 -15.04 -9.25 13.28
C LEU A 791 -14.18 -10.35 13.92
N THR A 792 -14.54 -11.62 13.67
CA THR A 792 -13.79 -12.76 14.19
C THR A 792 -12.35 -12.71 13.75
N ASP A 793 -12.12 -12.54 12.44
CA ASP A 793 -10.78 -12.54 11.87
C ASP A 793 -9.96 -11.31 12.25
N THR A 794 -10.65 -10.20 12.55
CA THR A 794 -9.96 -8.99 13.03
C THR A 794 -9.45 -9.21 14.44
N TYR A 795 -10.29 -9.80 15.29
CA TYR A 795 -9.91 -10.15 16.66
C TYR A 795 -8.69 -11.05 16.65
N GLU A 796 -8.76 -12.14 15.89
CA GLU A 796 -7.67 -13.12 15.75
C GLU A 796 -6.30 -12.50 15.30
N ARG A 797 -6.34 -11.61 14.29
CA ARG A 797 -5.14 -10.88 13.82
C ARG A 797 -4.60 -9.91 14.87
N MET A 798 -5.50 -9.34 15.68
CA MET A 798 -5.15 -8.30 16.65
C MET A 798 -4.64 -8.82 17.98
N GLN A 799 -5.09 -10.02 18.36
CA GLN A 799 -4.53 -10.70 19.52
C GLN A 799 -3.20 -11.36 19.10
N ASP A 800 -2.46 -10.65 18.25
CA ASP A 800 -1.12 -11.04 17.80
C ASP A 800 -0.22 -9.78 17.75
N ARG A 801 -0.38 -8.86 18.69
CA ARG A 801 0.29 -7.55 18.62
C ARG A 801 -0.19 -6.63 19.75
N ASP A 806 9.02 -7.17 22.20
CA ASP A 806 9.34 -8.58 22.11
C ASP A 806 10.87 -8.80 22.25
N GLU A 807 11.25 -10.02 22.64
CA GLU A 807 12.68 -10.40 22.79
C GLU A 807 13.54 -10.10 21.55
N TYR A 808 12.92 -10.23 20.38
CA TYR A 808 13.60 -10.33 19.10
C TYR A 808 13.26 -9.19 18.13
N ASN A 809 12.12 -8.56 18.39
CA ASN A 809 11.60 -7.46 17.59
C ASN A 809 11.34 -6.17 18.35
N GLU A 810 11.30 -5.06 17.61
CA GLU A 810 11.02 -3.76 18.19
C GLU A 810 9.53 -3.56 18.16
N ASP A 817 -1.31 -1.26 11.38
CA ASP A 817 -2.62 -1.78 11.77
C ASP A 817 -3.71 -0.69 11.86
N PHE A 818 -3.62 0.33 11.00
CA PHE A 818 -4.78 1.21 10.77
C PHE A 818 -5.69 0.45 9.80
N THR A 819 -5.07 -0.38 8.95
CA THR A 819 -5.82 -1.33 8.11
C THR A 819 -6.97 -1.98 8.89
N ASP A 820 -6.70 -2.44 10.12
CA ASP A 820 -7.72 -3.00 11.03
C ASP A 820 -8.67 -1.96 11.58
N GLU A 821 -8.13 -0.81 11.96
CA GLU A 821 -8.98 0.23 12.51
C GLU A 821 -9.98 0.70 11.45
N ASP A 822 -9.48 0.84 10.20
CA ASP A 822 -10.27 1.34 9.08
C ASP A 822 -11.38 0.41 8.71
N LEU A 823 -11.07 -0.89 8.67
CA LEU A 823 -12.10 -1.89 8.43
C LEU A 823 -13.23 -1.78 9.44
N LEU A 824 -12.89 -1.68 10.72
CA LEU A 824 -13.92 -1.60 11.75
C LEU A 824 -14.68 -0.28 11.64
N ASP A 825 -14.00 0.76 11.15
CA ASP A 825 -14.64 2.05 10.95
C ASP A 825 -15.76 1.90 9.95
N GLU A 826 -15.53 1.10 8.92
CA GLU A 826 -16.53 0.95 7.87
C GLU A 826 -17.64 0.01 8.27
N ILE A 827 -17.29 -1.01 9.05
CA ILE A 827 -18.28 -1.94 9.57
C ILE A 827 -19.31 -1.19 10.39
N ASN A 828 -18.82 -0.23 11.17
CA ASN A 828 -19.70 0.68 11.87
C ASN A 828 -20.68 1.34 10.92
N LYS A 829 -20.18 1.82 9.78
CA LYS A 829 -21.00 2.56 8.82
C LYS A 829 -22.06 1.66 8.23
N SER A 830 -21.68 0.43 7.89
CA SER A 830 -22.63 -0.48 7.23
C SER A 830 -23.75 -0.90 8.16
N ILE A 831 -23.37 -1.24 9.38
CA ILE A 831 -24.33 -1.56 10.43
C ILE A 831 -25.30 -0.42 10.60
N ALA A 832 -24.78 0.78 10.79
CA ALA A 832 -25.62 1.93 10.96
C ALA A 832 -26.54 2.05 9.77
N ALA A 833 -25.97 1.86 8.58
CA ALA A 833 -26.71 2.03 7.34
C ALA A 833 -27.80 0.99 7.26
N VAL A 834 -27.48 -0.25 7.66
CA VAL A 834 -28.46 -1.34 7.61
C VAL A 834 -29.58 -1.13 8.62
N LEU A 835 -29.23 -0.77 9.85
CA LEU A 835 -30.20 -0.34 10.84
C LEU A 835 -31.24 0.66 10.29
N LYS A 836 -30.74 1.76 9.70
CA LYS A 836 -31.54 2.84 9.10
C LYS A 836 -32.47 2.40 7.97
N THR A 837 -31.97 1.58 7.07
CA THR A 837 -32.79 1.10 5.98
C THR A 837 -33.89 0.15 6.52
N THR A 838 -33.54 -0.73 7.46
CA THR A 838 -34.53 -1.60 8.11
C THR A 838 -35.46 -0.83 9.05
N ASN A 839 -35.04 0.38 9.42
CA ASN A 839 -35.79 1.18 10.38
C ASN A 839 -35.88 0.46 11.75
N GLY A 840 -34.80 -0.23 12.14
CA GLY A 840 -34.73 -0.91 13.42
C GLY A 840 -34.77 -2.43 13.36
N HIS A 841 -35.59 -2.95 12.47
CA HIS A 841 -35.78 -4.40 12.33
C HIS A 841 -34.50 -5.24 12.37
N TYR A 842 -33.37 -4.61 12.08
CA TYR A 842 -32.07 -5.30 12.09
C TYR A 842 -31.54 -5.55 13.53
N LEU A 843 -32.23 -4.99 14.53
CA LEU A 843 -31.94 -5.24 15.95
C LEU A 843 -31.97 -6.75 16.20
N LYS A 844 -33.05 -7.40 15.76
CA LYS A 844 -33.19 -8.85 15.87
C LYS A 844 -31.88 -9.56 15.48
N ASN A 845 -31.51 -9.45 14.21
CA ASN A 845 -30.29 -10.12 13.69
C ASN A 845 -29.05 -9.67 14.46
N LEU A 846 -29.00 -8.40 14.81
CA LEU A 846 -27.85 -7.85 15.48
C LEU A 846 -27.53 -8.53 16.83
N GLU A 847 -28.54 -9.14 17.43
CA GLU A 847 -28.41 -9.84 18.73
C GLU A 847 -27.44 -11.02 18.70
N ASN A 848 -27.30 -11.66 17.54
CA ASN A 848 -26.52 -12.89 17.47
C ASN A 848 -25.04 -12.71 17.62
N ILE A 849 -24.58 -11.50 17.34
CA ILE A 849 -23.18 -11.18 17.43
C ILE A 849 -22.91 -10.31 18.66
N TRP A 850 -23.81 -10.38 19.65
CA TRP A 850 -23.66 -9.59 20.87
C TRP A 850 -22.53 -10.08 21.75
N PRO A 851 -22.39 -11.41 21.91
CA PRO A 851 -21.17 -11.90 22.56
C PRO A 851 -19.88 -11.31 21.93
N MET A 852 -19.78 -11.34 20.59
CA MET A 852 -18.67 -10.70 19.84
C MET A 852 -18.48 -9.24 20.27
N ILE A 853 -19.52 -8.44 20.10
CA ILE A 853 -19.55 -7.04 20.52
C ILE A 853 -19.05 -6.89 21.96
N ASN A 854 -19.58 -7.71 22.85
CA ASN A 854 -19.26 -7.63 24.27
C ASN A 854 -17.79 -7.86 24.61
N THR A 855 -17.15 -8.85 23.98
CA THR A 855 -15.69 -9.08 24.10
C THR A 855 -14.87 -7.82 23.79
N PHE A 856 -15.27 -7.15 22.71
CA PHE A 856 -14.66 -5.91 22.23
C PHE A 856 -14.75 -4.81 23.29
N LEU A 857 -15.94 -4.64 23.86
CA LEU A 857 -16.23 -3.61 24.86
C LEU A 857 -15.26 -3.65 26.05
N LEU A 858 -14.94 -4.84 26.52
CA LEU A 858 -14.00 -4.98 27.63
C LEU A 858 -12.68 -5.60 27.16
N GLU A 861 -8.18 -3.24 24.76
CA GLU A 861 -7.51 -2.81 23.52
C GLU A 861 -8.35 -1.76 22.80
N PRO A 862 -7.88 -0.50 22.78
CA PRO A 862 -8.72 0.68 22.45
C PRO A 862 -9.53 0.64 21.13
N ILE A 863 -8.93 0.13 20.05
CA ILE A 863 -9.58 0.10 18.71
C ILE A 863 -10.90 -0.70 18.75
N LEU A 864 -10.87 -1.88 19.39
CA LEU A 864 -12.00 -2.75 19.52
C LEU A 864 -13.05 -2.14 20.44
N VAL A 865 -12.60 -1.27 21.35
CA VAL A 865 -13.46 -0.68 22.37
C VAL A 865 -14.30 0.38 21.72
N ILE A 866 -13.60 1.28 21.02
CA ILE A 866 -14.19 2.38 20.29
C ILE A 866 -15.23 1.78 19.35
N PHE A 867 -14.84 0.74 18.62
CA PHE A 867 -15.78 0.07 17.73
C PHE A 867 -17.06 -0.31 18.46
N ALA A 868 -16.93 -1.07 19.54
CA ALA A 868 -18.08 -1.58 20.32
C ALA A 868 -18.99 -0.47 20.81
N LEU A 869 -18.41 0.53 21.46
CA LEU A 869 -19.13 1.72 21.87
C LEU A 869 -19.89 2.29 20.67
N VAL A 870 -19.24 2.45 19.52
CA VAL A 870 -19.91 3.04 18.35
C VAL A 870 -21.12 2.20 17.93
N VAL A 871 -20.99 0.88 17.94
CA VAL A 871 -22.13 0.01 17.61
C VAL A 871 -23.29 0.22 18.58
N ILE A 872 -22.99 0.22 19.89
CA ILE A 872 -24.01 0.40 20.92
C ILE A 872 -24.78 1.72 20.80
N GLY A 873 -24.08 2.80 20.47
CA GLY A 873 -24.72 4.09 20.19
C GLY A 873 -25.72 3.99 19.07
N ASP A 874 -25.40 3.23 18.03
CA ASP A 874 -26.35 2.98 16.93
C ASP A 874 -27.51 2.10 17.37
N LEU A 875 -27.24 1.11 18.22
CA LEU A 875 -28.29 0.25 18.76
C LEU A 875 -29.39 1.08 19.43
N ILE A 876 -29.04 1.81 20.47
CA ILE A 876 -29.98 2.66 21.22
C ILE A 876 -30.82 3.58 20.33
N GLN A 877 -30.23 4.07 19.24
CA GLN A 877 -30.93 4.92 18.26
C GLN A 877 -32.23 4.29 17.77
N TYR A 878 -32.33 2.97 17.90
CA TYR A 878 -33.50 2.21 17.47
C TYR A 878 -33.93 1.27 18.59
N GLU A 881 -37.10 2.11 24.14
CA GLU A 881 -36.49 1.57 25.34
C GLU A 881 -36.41 0.03 25.32
N GLN A 882 -35.79 -0.51 24.27
CA GLN A 882 -35.89 -1.92 23.95
C GLN A 882 -34.53 -2.62 24.10
N THR A 883 -33.60 -1.92 24.71
CA THR A 883 -32.20 -2.36 24.84
C THR A 883 -31.87 -2.70 26.30
N ALA A 884 -32.82 -2.41 27.19
CA ALA A 884 -32.72 -2.78 28.60
C ALA A 884 -32.08 -4.16 28.76
N SER A 885 -32.39 -5.08 27.84
CA SER A 885 -31.75 -6.39 27.85
C SER A 885 -30.24 -6.28 28.05
N MET A 886 -29.67 -5.11 27.80
CA MET A 886 -28.21 -4.95 27.81
C MET A 886 -27.66 -3.79 28.62
N LYS A 887 -28.56 -2.89 29.05
CA LYS A 887 -28.18 -1.81 29.97
C LYS A 887 -27.11 -2.32 30.95
N ASN A 888 -27.37 -3.48 31.55
CA ASN A 888 -26.53 -3.98 32.63
C ASN A 888 -25.17 -4.44 32.14
N ALA A 889 -25.12 -4.78 30.85
CA ALA A 889 -23.92 -5.35 30.27
C ALA A 889 -22.93 -4.26 29.87
N PHE A 890 -23.42 -3.04 29.66
CA PHE A 890 -22.51 -2.02 29.16
C PHE A 890 -22.30 -0.75 29.97
N ILE A 891 -23.25 -0.34 30.82
CA ILE A 891 -23.10 0.98 31.45
C ILE A 891 -21.90 1.05 32.40
N PRO A 892 -21.55 -0.10 33.01
CA PRO A 892 -20.38 -0.22 33.85
C PRO A 892 -19.12 0.17 33.09
N LYS A 893 -18.95 -0.37 31.89
CA LYS A 893 -17.80 0.01 31.06
C LYS A 893 -17.91 1.43 30.47
N VAL A 894 -19.13 1.87 30.14
CA VAL A 894 -19.32 3.19 29.47
C VAL A 894 -18.96 4.34 30.41
N THR A 895 -19.42 4.20 31.66
CA THR A 895 -19.16 5.15 32.73
C THR A 895 -17.66 5.24 33.01
N GLU A 896 -16.99 4.10 32.90
CA GLU A 896 -15.54 4.00 33.04
C GLU A 896 -14.89 4.81 31.93
N CYS A 897 -15.35 4.54 30.71
CA CYS A 897 -14.83 5.12 29.48
C CYS A 897 -14.93 6.63 29.46
N LEU A 898 -16.00 7.17 30.05
CA LEU A 898 -16.19 8.60 30.17
C LEU A 898 -14.92 9.37 30.58
N ILE A 899 -14.21 8.84 31.57
CA ILE A 899 -13.00 9.49 32.04
C ILE A 899 -11.71 8.88 31.51
N SER A 900 -11.80 8.11 30.43
CA SER A 900 -10.61 7.55 29.78
C SER A 900 -9.60 8.59 29.27
N PRO A 901 -8.29 8.29 29.39
CA PRO A 901 -7.22 9.14 28.85
C PRO A 901 -7.32 9.31 27.33
N ASP A 902 -8.00 8.38 26.68
CA ASP A 902 -8.21 8.44 25.23
C ASP A 902 -9.48 9.21 24.85
N ALA A 903 -9.27 10.30 24.10
CA ALA A 903 -10.32 11.21 23.65
C ALA A 903 -11.42 10.54 22.82
N ARG A 904 -11.02 9.53 22.03
CA ARG A 904 -11.92 8.82 21.11
C ARG A 904 -12.88 7.94 21.92
N ILE A 905 -12.39 7.44 23.04
CA ILE A 905 -13.19 6.64 23.96
C ILE A 905 -14.19 7.52 24.69
N ARG A 906 -13.73 8.66 25.20
CA ARG A 906 -14.62 9.58 25.89
C ARG A 906 -15.75 9.99 24.95
N GLN A 907 -15.37 10.44 23.74
CA GLN A 907 -16.30 10.81 22.66
C GLN A 907 -17.42 9.79 22.43
N ALA A 908 -17.05 8.56 22.11
CA ALA A 908 -18.02 7.51 21.83
C ALA A 908 -18.87 7.21 23.06
N ALA A 909 -18.23 7.27 24.23
CA ALA A 909 -18.87 7.02 25.52
C ALA A 909 -19.99 8.04 25.78
N SER A 910 -19.61 9.31 25.81
CA SER A 910 -20.57 10.37 26.06
C SER A 910 -21.74 10.33 25.07
N TYR A 911 -21.46 10.05 23.80
CA TYR A 911 -22.50 9.97 22.79
C TYR A 911 -23.52 8.93 23.18
N ILE A 912 -23.03 7.80 23.68
CA ILE A 912 -23.87 6.73 24.16
C ILE A 912 -24.77 7.16 25.33
N ILE A 913 -24.19 7.86 26.31
CA ILE A 913 -24.98 8.34 27.45
C ILE A 913 -26.00 9.38 27.01
N GLY A 914 -25.65 10.17 25.98
CA GLY A 914 -26.53 11.21 25.47
C GLY A 914 -27.63 10.57 24.65
N VAL A 915 -27.29 9.54 23.88
CA VAL A 915 -28.28 8.90 23.04
C VAL A 915 -29.26 8.12 23.93
N CYS A 916 -28.76 7.63 25.06
CA CYS A 916 -29.62 6.98 26.06
C CYS A 916 -30.80 7.87 26.44
N ALA A 917 -30.54 9.12 26.80
CA ALA A 917 -31.56 10.06 27.25
C ALA A 917 -32.46 10.56 26.11
N GLN A 918 -32.14 10.17 24.88
CA GLN A 918 -32.82 10.73 23.74
C GLN A 918 -33.88 9.77 23.24
N TYR A 919 -33.49 8.52 23.11
CA TYR A 919 -34.35 7.50 22.52
C TYR A 919 -34.88 6.53 23.55
N ALA A 920 -34.23 6.47 24.71
CA ALA A 920 -34.69 5.64 25.83
C ALA A 920 -34.81 6.46 27.12
N PRO A 921 -35.58 7.56 27.08
CA PRO A 921 -35.50 8.54 28.17
C PRO A 921 -35.59 7.96 29.58
N SER A 922 -36.46 6.97 29.77
CA SER A 922 -36.80 6.58 31.13
C SER A 922 -36.07 5.34 31.62
N THR A 923 -35.82 4.40 30.71
CA THR A 923 -35.08 3.21 31.10
C THR A 923 -33.62 3.54 31.36
N TYR A 924 -33.29 4.83 31.49
CA TYR A 924 -31.88 5.27 31.66
C TYR A 924 -31.46 6.31 32.74
N ALA A 925 -32.43 7.07 33.25
CA ALA A 925 -32.28 8.17 34.27
C ALA A 925 -31.37 8.03 35.51
N ASP A 926 -31.46 6.87 36.15
CA ASP A 926 -30.62 6.48 37.28
C ASP A 926 -29.14 6.54 36.90
N VAL A 927 -28.87 6.61 35.60
CA VAL A 927 -27.50 6.70 35.10
C VAL A 927 -27.16 8.11 34.61
N CYS A 928 -28.03 8.63 33.77
CA CYS A 928 -27.78 9.87 33.08
C CYS A 928 -27.57 11.06 34.05
N ILE A 929 -28.42 11.16 35.08
CA ILE A 929 -28.31 12.27 36.03
C ILE A 929 -27.08 12.13 36.96
N PRO A 930 -26.78 10.90 37.43
CA PRO A 930 -25.51 10.75 38.16
C PRO A 930 -24.28 11.18 37.33
N THR A 931 -24.11 10.60 36.14
CA THR A 931 -22.96 10.88 35.26
C THR A 931 -22.81 12.36 34.94
N LEU A 932 -23.92 13.07 35.02
CA LEU A 932 -23.99 14.46 34.63
C LEU A 932 -22.87 15.38 35.18
N ASP A 933 -22.37 15.04 36.36
CA ASP A 933 -21.25 15.75 36.94
C ASP A 933 -19.93 15.39 36.24
N THR A 934 -19.80 14.12 35.87
CA THR A 934 -18.68 13.62 35.07
C THR A 934 -18.56 14.48 33.82
N LEU A 935 -19.70 14.71 33.18
CA LEU A 935 -19.76 15.46 31.94
C LEU A 935 -19.35 16.91 32.11
N VAL A 936 -19.73 17.49 33.26
CA VAL A 936 -19.34 18.86 33.55
C VAL A 936 -17.80 18.95 33.70
N GLN A 937 -17.19 17.84 34.10
CA GLN A 937 -15.73 17.78 34.26
C GLN A 937 -14.95 17.42 32.99
N ILE A 938 -15.44 16.44 32.22
CA ILE A 938 -14.87 16.08 30.90
C ILE A 938 -14.86 17.32 30.04
N VAL A 939 -15.93 18.09 30.14
CA VAL A 939 -16.05 19.40 29.52
C VAL A 939 -14.81 20.29 29.80
N ASP A 940 -14.18 20.09 30.96
CA ASP A 940 -13.06 20.94 31.42
C ASP A 940 -11.75 20.15 31.62
N SER A 944 -9.74 20.67 27.03
CA SER A 944 -11.09 20.45 26.54
C SER A 944 -11.36 21.15 25.22
N LYS A 945 -11.29 22.48 25.26
CA LYS A 945 -11.47 23.30 24.07
C LYS A 945 -10.14 23.37 23.31
N LEU A 946 -9.76 22.26 22.69
CA LEU A 946 -8.52 22.16 21.92
C LEU A 946 -8.75 21.21 20.75
N GLU A 947 -8.14 21.50 19.60
CA GLU A 947 -8.34 20.72 18.38
C GLU A 947 -8.53 19.21 18.63
N GLU A 948 -7.61 18.60 19.36
CA GLU A 948 -7.59 17.13 19.54
C GLU A 948 -8.86 16.55 20.17
N ASN A 949 -9.42 17.28 21.13
CA ASN A 949 -10.60 16.79 21.84
C ASN A 949 -11.79 17.74 21.84
N ARG A 950 -11.78 18.72 20.93
CA ARG A 950 -12.91 19.66 20.75
C ARG A 950 -14.17 18.87 20.38
N SER A 951 -13.94 17.76 19.68
CA SER A 951 -15.01 16.88 19.24
C SER A 951 -15.62 16.12 20.40
N SER A 952 -14.80 15.49 21.24
CA SER A 952 -15.25 14.70 22.39
C SER A 952 -16.01 15.53 23.42
N THR A 953 -15.51 16.72 23.71
CA THR A 953 -16.20 17.59 24.68
C THR A 953 -17.49 18.11 24.07
N GLU A 954 -17.57 18.19 22.75
CA GLU A 954 -18.82 18.63 22.11
C GLU A 954 -19.90 17.56 22.18
N ASN A 955 -19.50 16.29 22.15
CA ASN A 955 -20.44 15.19 22.31
C ASN A 955 -21.01 15.12 23.71
N ALA A 956 -20.13 15.23 24.70
CA ALA A 956 -20.57 15.28 26.07
C ALA A 956 -21.57 16.43 26.23
N SER A 957 -21.19 17.62 25.73
CA SER A 957 -22.07 18.78 25.76
C SER A 957 -23.47 18.46 25.21
N ALA A 958 -23.52 17.77 24.07
CA ALA A 958 -24.77 17.42 23.42
C ALA A 958 -25.49 16.37 24.23
N ALA A 959 -24.70 15.43 24.76
CA ALA A 959 -25.22 14.37 25.61
C ALA A 959 -25.99 14.91 26.81
N ILE A 960 -25.46 15.94 27.48
CA ILE A 960 -26.15 16.54 28.62
C ILE A 960 -27.40 17.33 28.20
N ALA A 961 -27.36 18.00 27.05
CA ALA A 961 -28.54 18.69 26.52
C ALA A 961 -29.66 17.71 26.20
N LYS A 962 -29.30 16.47 25.92
CA LYS A 962 -30.28 15.43 25.62
C LYS A 962 -31.04 14.99 26.88
N ILE A 963 -30.26 14.73 27.93
CA ILE A 963 -30.76 14.46 29.28
C ILE A 963 -31.65 15.58 29.82
N LEU A 964 -31.18 16.83 29.70
CA LEU A 964 -31.97 18.00 30.11
C LEU A 964 -33.30 18.11 29.36
N TYR A 965 -33.39 17.47 28.19
CA TYR A 965 -34.61 17.54 27.40
C TYR A 965 -35.60 16.48 27.87
N ALA A 966 -35.13 15.24 27.88
CA ALA A 966 -35.95 14.10 28.22
C ALA A 966 -36.64 14.27 29.58
N TYR A 967 -35.90 14.69 30.59
CA TYR A 967 -36.40 14.79 31.98
C TYR A 967 -36.46 16.23 32.46
N ASN A 968 -37.18 17.04 31.68
CA ASN A 968 -37.15 18.54 31.74
C ASN A 968 -37.30 19.32 33.08
N SER A 969 -38.41 19.14 33.79
CA SER A 969 -38.55 19.63 35.19
C SER A 969 -38.47 18.58 36.29
N ASN A 970 -37.26 18.05 36.31
CA ASN A 970 -36.96 16.96 37.22
C ASN A 970 -35.56 17.00 37.84
N ILE A 971 -34.85 18.10 37.59
CA ILE A 971 -33.44 18.18 37.88
C ILE A 971 -33.07 19.07 39.08
N PRO A 972 -32.32 18.49 40.05
CA PRO A 972 -31.67 19.30 41.07
C PRO A 972 -30.55 20.17 40.50
N ASP A 975 -30.01 22.49 37.30
CA ASP A 975 -30.21 23.78 36.68
C ASP A 975 -28.96 24.67 36.70
N THR A 976 -28.07 24.47 37.66
CA THR A 976 -26.76 25.07 37.52
C THR A 976 -26.31 24.55 36.18
N TYR A 977 -26.46 23.24 36.02
CA TYR A 977 -26.17 22.52 34.80
C TYR A 977 -26.37 23.30 33.52
N THR A 978 -27.57 23.78 33.25
CA THR A 978 -27.82 24.42 31.96
C THR A 978 -26.88 25.62 31.73
N ALA A 979 -26.64 26.39 32.78
CA ALA A 979 -25.69 27.52 32.72
C ALA A 979 -24.23 27.06 32.58
N ASN A 980 -23.95 25.82 32.98
CA ASN A 980 -22.65 25.18 32.72
C ASN A 980 -22.55 24.91 31.23
N TRP A 981 -23.52 24.12 30.75
CA TRP A 981 -23.70 23.70 29.36
C TRP A 981 -23.49 24.86 28.43
N PHE A 982 -24.25 25.91 28.70
CA PHE A 982 -24.13 27.13 27.93
C PHE A 982 -22.67 27.53 27.68
N LYS A 983 -21.82 27.49 28.71
CA LYS A 983 -20.43 27.92 28.60
C LYS A 983 -19.56 27.01 27.75
N THR A 984 -20.22 26.01 27.17
CA THR A 984 -19.56 25.06 26.28
C THR A 984 -19.91 25.42 24.86
N LEU A 985 -20.76 26.43 24.70
CA LEU A 985 -21.08 26.91 23.39
C LEU A 985 -19.99 27.89 23.04
N PRO A 986 -19.60 27.92 21.77
CA PRO A 986 -20.25 27.28 20.63
C PRO A 986 -19.80 25.86 20.28
N THR A 987 -20.64 25.20 19.49
CA THR A 987 -20.35 23.89 18.93
C THR A 987 -20.04 24.04 17.45
N ILE A 988 -18.82 23.71 17.08
CA ILE A 988 -18.25 24.09 15.80
C ILE A 988 -17.68 22.93 14.98
N THR A 989 -17.46 21.77 15.61
CA THR A 989 -16.74 20.64 14.98
C THR A 989 -17.58 19.41 14.67
N ASP A 990 -18.32 18.92 15.66
CA ASP A 990 -19.19 17.77 15.46
C ASP A 990 -20.52 18.30 15.00
N LYS A 991 -21.01 17.78 13.87
CA LYS A 991 -22.14 18.35 13.17
C LYS A 991 -23.48 17.95 13.80
N GLU A 992 -23.60 16.67 14.11
CA GLU A 992 -24.83 16.10 14.67
C GLU A 992 -25.04 16.55 16.12
N ALA A 993 -23.93 16.71 16.83
CA ALA A 993 -23.94 17.32 18.15
C ALA A 993 -24.46 18.74 18.05
N ALA A 994 -23.79 19.56 17.22
CA ALA A 994 -24.17 20.97 17.02
C ALA A 994 -25.64 21.07 16.64
N SER A 995 -26.09 20.12 15.84
CA SER A 995 -27.46 20.07 15.41
C SER A 995 -28.42 19.98 16.61
N PHE A 996 -28.11 19.10 17.55
CA PHE A 996 -28.95 19.03 18.73
C PHE A 996 -28.84 20.26 19.64
N ASN A 997 -27.60 20.68 19.98
CA ASN A 997 -27.41 21.82 20.90
C ASN A 997 -28.21 23.05 20.49
N TYR A 998 -28.21 23.41 19.20
CA TYR A 998 -28.95 24.59 18.78
C TYR A 998 -30.45 24.35 18.65
N GLN A 999 -30.86 23.09 18.46
CA GLN A 999 -32.28 22.72 18.60
C GLN A 999 -32.72 22.97 20.04
N PHE A 1000 -31.95 22.42 21.00
CA PHE A 1000 -32.18 22.67 22.44
C PHE A 1000 -32.08 24.15 22.83
N LEU A 1001 -31.09 24.86 22.29
CA LEU A 1001 -31.00 26.30 22.54
C LEU A 1001 -32.28 27.00 22.05
N SER A 1002 -32.87 26.51 20.96
CA SER A 1002 -34.07 27.13 20.37
C SER A 1002 -35.36 26.88 21.15
N GLN A 1003 -35.35 25.90 22.04
CA GLN A 1003 -36.46 25.71 22.98
C GLN A 1003 -36.24 26.57 24.23
N VAL A 1012 -31.03 32.02 30.19
CA VAL A 1012 -30.60 32.30 28.83
C VAL A 1012 -31.32 33.54 28.29
N CYS A 1013 -32.59 33.66 28.62
CA CYS A 1013 -33.41 34.82 28.26
C CYS A 1013 -32.91 36.15 28.81
N ALA A 1014 -33.53 37.23 28.34
CA ALA A 1014 -33.20 38.60 28.74
C ALA A 1014 -31.72 38.79 29.08
N GLN A 1015 -31.44 39.33 30.26
CA GLN A 1015 -30.08 39.43 30.82
C GLN A 1015 -29.09 40.18 29.92
N SER A 1016 -27.81 39.89 30.12
CA SER A 1016 -26.76 40.31 29.20
C SER A 1016 -26.02 39.06 28.75
N ASN A 1017 -26.75 37.95 28.76
CA ASN A 1017 -26.39 36.71 28.04
C ASN A 1017 -26.64 36.83 26.54
N ILE A 1018 -27.34 37.89 26.17
CA ILE A 1018 -27.80 38.13 24.81
C ILE A 1018 -26.69 38.10 23.75
N SER A 1019 -25.56 38.74 24.00
CA SER A 1019 -24.45 38.73 23.06
C SER A 1019 -23.73 37.38 23.00
N ALA A 1020 -23.78 36.63 24.10
CA ALA A 1020 -23.26 35.26 24.08
C ALA A 1020 -24.24 34.29 23.42
N VAL A 1021 -25.53 34.59 23.52
CA VAL A 1021 -26.58 33.80 22.86
C VAL A 1021 -26.39 33.88 21.34
N VAL A 1022 -26.35 35.11 20.82
CA VAL A 1022 -26.18 35.38 19.41
C VAL A 1022 -24.87 34.77 18.90
N ASP A 1023 -23.75 35.22 19.46
CA ASP A 1023 -22.44 34.80 18.99
C ASP A 1023 -22.33 33.28 18.95
N SER A 1024 -22.89 32.60 19.95
CA SER A 1024 -22.95 31.14 19.96
C SER A 1024 -23.47 30.59 18.64
N VAL A 1025 -24.40 31.31 18.04
CA VAL A 1025 -25.02 30.88 16.79
C VAL A 1025 -24.21 31.35 15.57
N ILE A 1026 -23.85 32.63 15.55
CA ILE A 1026 -22.98 33.14 14.50
C ILE A 1026 -21.77 32.22 14.34
N GLN A 1027 -21.17 31.82 15.47
CA GLN A 1027 -19.96 31.00 15.42
C GLN A 1027 -20.23 29.62 14.79
N ALA A 1028 -21.34 28.99 15.14
CA ALA A 1028 -21.71 27.69 14.57
C ALA A 1028 -21.93 27.81 13.07
N LEU A 1029 -22.70 28.80 12.65
CA LEU A 1029 -22.94 29.08 11.26
C LEU A 1029 -21.63 29.33 10.52
N ASN A 1030 -20.85 30.32 10.96
CA ASN A 1030 -19.60 30.68 10.30
C ASN A 1030 -18.63 29.52 10.21
N GLU A 1031 -18.63 28.65 11.22
CA GLU A 1031 -17.79 27.47 11.19
C GLU A 1031 -18.44 26.33 10.41
N ARG A 1032 -19.64 26.59 9.89
CA ARG A 1032 -20.38 25.64 9.06
C ARG A 1032 -20.59 24.28 9.75
N SER A 1033 -21.01 24.28 11.01
CA SER A 1033 -21.25 23.06 11.80
C SER A 1033 -22.75 22.72 11.92
N LEU A 1034 -23.57 23.75 11.90
CA LEU A 1034 -25.01 23.54 11.72
C LEU A 1034 -25.49 24.22 10.44
N THR A 1041 -33.14 27.83 11.85
CA THR A 1041 -34.40 28.36 12.41
C THR A 1041 -34.29 28.84 13.88
N VAL A 1042 -33.27 28.35 14.61
CA VAL A 1042 -32.74 29.01 15.82
C VAL A 1042 -32.54 30.54 15.57
N ILE A 1043 -32.34 30.94 14.31
CA ILE A 1043 -32.36 32.34 13.87
C ILE A 1043 -33.70 33.03 14.21
N SER A 1044 -34.80 32.36 13.91
CA SER A 1044 -36.15 32.86 14.26
C SER A 1044 -36.25 33.17 15.76
N SER A 1045 -35.88 32.21 16.59
CA SER A 1045 -35.84 32.39 18.04
C SER A 1045 -34.99 33.61 18.48
N VAL A 1046 -33.83 33.78 17.85
CA VAL A 1046 -32.90 34.89 18.18
C VAL A 1046 -33.49 36.28 17.86
N LYS A 1047 -34.15 36.40 16.70
CA LYS A 1047 -34.80 37.64 16.30
C LYS A 1047 -35.84 38.11 17.33
N LYS A 1048 -36.49 37.14 17.99
CA LYS A 1048 -37.49 37.40 19.03
C LYS A 1048 -36.87 38.04 20.29
N LEU A 1049 -35.72 37.51 20.69
CA LEU A 1049 -34.93 38.09 21.78
C LEU A 1049 -34.51 39.54 21.47
N LEU A 1050 -33.95 39.75 20.27
CA LEU A 1050 -33.53 41.09 19.84
C LEU A 1050 -34.70 42.06 19.66
N GLY A 1051 -35.89 41.48 19.44
CA GLY A 1051 -37.16 42.23 19.39
C GLY A 1051 -37.44 42.93 20.70
N PHE A 1052 -37.12 42.26 21.80
CA PHE A 1052 -37.33 42.79 23.14
C PHE A 1052 -36.41 43.97 23.53
N LEU A 1053 -35.60 44.48 22.60
CA LEU A 1053 -34.69 45.60 22.88
C LEU A 1053 -34.73 46.73 21.82
N PRO A 1054 -34.37 47.97 22.22
CA PRO A 1054 -34.41 49.11 21.31
C PRO A 1054 -33.71 48.88 19.95
N SER A 1055 -33.93 49.83 19.06
CA SER A 1055 -33.15 50.00 17.83
C SER A 1055 -31.67 49.80 18.12
N SER A 1056 -31.14 50.68 18.96
CA SER A 1056 -29.72 50.78 19.25
C SER A 1056 -29.13 49.60 20.03
N ASP A 1057 -29.88 49.04 20.98
CA ASP A 1057 -29.43 47.84 21.69
C ASP A 1057 -29.29 46.62 20.77
N ALA A 1058 -30.28 46.46 19.87
CA ALA A 1058 -30.26 45.39 18.89
C ALA A 1058 -29.01 45.44 17.99
N MET A 1059 -28.81 46.57 17.29
CA MET A 1059 -27.65 46.81 16.43
C MET A 1059 -26.30 46.41 17.05
N ALA A 1060 -26.01 47.00 18.21
CA ALA A 1060 -24.67 46.99 18.85
C ALA A 1060 -23.99 45.62 19.03
N ILE A 1061 -24.80 44.55 19.14
CA ILE A 1061 -24.28 43.17 19.28
C ILE A 1061 -23.28 42.78 18.19
N PHE A 1062 -23.51 43.22 16.96
CA PHE A 1062 -22.69 42.80 15.83
C PHE A 1062 -21.47 43.69 15.64
N ASN A 1063 -21.31 44.61 16.59
CA ASN A 1063 -20.27 45.60 16.53
C ASN A 1063 -18.90 44.96 16.56
N ARG A 1064 -18.81 43.73 17.03
CA ARG A 1064 -17.51 43.10 17.14
C ARG A 1064 -17.09 42.46 15.83
N TYR A 1065 -18.06 42.22 14.95
CA TYR A 1065 -17.83 41.34 13.80
C TYR A 1065 -17.17 41.99 12.60
N PRO A 1066 -16.15 41.32 12.02
CA PRO A 1066 -15.48 41.86 10.86
C PRO A 1066 -16.39 41.89 9.62
N ALA A 1067 -15.96 42.58 8.58
CA ALA A 1067 -16.77 42.77 7.40
C ALA A 1067 -17.25 41.45 6.81
N ASP A 1068 -16.29 40.54 6.58
CA ASP A 1068 -16.59 39.28 5.89
C ASP A 1068 -17.67 38.46 6.60
N ILE A 1069 -17.69 38.46 7.92
CA ILE A 1069 -18.74 37.70 8.61
C ILE A 1069 -20.02 38.52 8.81
N MET A 1070 -19.89 39.83 8.67
CA MET A 1070 -21.09 40.68 8.61
C MET A 1070 -21.79 40.60 7.25
N GLU A 1071 -21.06 40.24 6.18
CA GLU A 1071 -21.71 39.94 4.90
C GLU A 1071 -22.66 38.74 5.12
N LYS A 1072 -22.11 37.64 5.63
CA LYS A 1072 -22.90 36.46 5.98
C LYS A 1072 -24.08 36.75 6.92
N VAL A 1073 -23.87 37.61 7.91
CA VAL A 1073 -24.90 37.87 8.94
C VAL A 1073 -26.12 38.56 8.33
N HIS A 1074 -25.84 39.54 7.48
CA HIS A 1074 -26.86 40.19 6.69
C HIS A 1074 -27.72 39.19 5.92
N LYS A 1075 -27.07 38.25 5.24
CA LYS A 1075 -27.78 37.20 4.48
C LYS A 1075 -28.34 36.06 5.34
N TRP A 1076 -28.27 36.17 6.67
CA TRP A 1076 -28.80 35.15 7.59
C TRP A 1076 -30.04 35.65 8.31
N PHE A 1077 -30.12 36.97 8.50
CA PHE A 1077 -31.18 37.55 9.31
C PHE A 1077 -32.10 38.47 8.51
N PHE B 5 8.60 13.18 -18.54
CA PHE B 5 7.79 13.57 -17.35
C PHE B 5 8.53 14.39 -16.29
N LYS B 6 8.49 13.85 -15.09
CA LYS B 6 8.79 14.53 -13.83
C LYS B 6 10.25 14.28 -13.31
N VAL B 7 10.55 14.83 -12.13
CA VAL B 7 11.71 14.40 -11.33
C VAL B 7 11.15 13.62 -10.17
N SER B 8 11.57 12.36 -10.04
CA SER B 8 11.16 11.51 -8.96
C SER B 8 12.27 10.53 -8.66
N LYS B 9 12.00 9.67 -7.67
CA LYS B 9 12.92 8.64 -7.26
C LYS B 9 12.30 7.27 -7.44
N ASN B 10 12.93 6.40 -8.22
CA ASN B 10 12.40 5.05 -8.37
C ASN B 10 12.61 4.17 -7.11
N SER B 11 12.09 2.95 -7.19
CA SER B 11 12.21 1.95 -6.14
C SER B 11 11.82 0.62 -6.76
N THR B 12 12.80 -0.28 -6.86
CA THR B 12 12.68 -1.46 -7.70
C THR B 12 12.94 -2.76 -6.91
#